data_5XWV
#
_entry.id   5XWV
#
_cell.length_a   61.319
_cell.length_b   63.564
_cell.length_c   71.886
_cell.angle_alpha   73.09
_cell.angle_beta   67.20
_cell.angle_gamma   89.76
#
_symmetry.space_group_name_H-M   'P 1'
#
loop_
_entity.id
_entity.type
_entity.pdbx_description
1 polymer AmphB
2 non-polymer 'NADPH DIHYDRO-NICOTINAMIDE-ADENINE-DINUCLEOTIDE PHOSPHATE'
3 non-polymer 'S-[2-[3-[[(2R)-3,3-dimethyl-2,4-bis(oxidanyl)butanoyl]amino]propanoylamino]ethyl] (2R)-2-methyl-3-oxidanylidene-pentanethioate'
4 water water
#
_entity_poly.entity_id   1
_entity_poly.type   'polypeptide(L)'
_entity_poly.pdbx_seq_one_letter_code
;MGSSHHHHHHSSGLVPRGSHMDALRYHIEWNRVAEPGTARPAGRLLAVISPDHAGAPWVTAVLDALGPDTVRFEAKGTDR
AAWAAQLAQLREDEGEFHAVVSLLAAAEALHTDHGSVPLGLAQTLLLAQALGDAGLTAPLWCLTRGGVAAGRGDVLSSPV
QGALWGLGRVIGLEHPDRWGGLIDLPETVDTRAAARLTGLLADAGGEDQLAIRGSGVLARRLAHAAPAVPGSGKRPPVHG
SVLVTGGTGGIGGRVARRLAEQGAAHLVLTSRRGADAPGAAELRAELEQLGVRVTIAACDAADREALAALLAELPEDAPL
TAVFHSAGVAHDDAPVADLTLGQLDALMRAKLTAARHLHELTADLDLDAFVLFSSGAAVWGSGGQPGYAAANAYLDALAE
HRRSLGLTASSVAWGTWGEVGMATDPEVHDRLVRQGVLAMEPEHALGALDQMLENDDTAAAITLMDWEMFAPAFTANRPS
ALLSTVPEAVSALSDE
;
_entity_poly.pdbx_strand_id   A,B
#
loop_
_chem_comp.id
_chem_comp.type
_chem_comp.name
_chem_comp.formula
8H6 non-polymer 'S-[2-[3-[[(2R)-3,3-dimethyl-2,4-bis(oxidanyl)butanoyl]amino]propanoylamino]ethyl] (2R)-2-methyl-3-oxidanylidene-pentanethioate' 'C17 H30 N2 O6 S'
NDP non-polymer 'NADPH DIHYDRO-NICOTINAMIDE-ADENINE-DINUCLEOTIDE PHOSPHATE' 'C21 H30 N7 O17 P3'
#
# COMPACT_ATOMS: atom_id res chain seq x y z
N GLY A 18 -4.28 19.91 -0.98
CA GLY A 18 -3.72 18.80 -0.17
C GLY A 18 -3.57 17.52 -0.96
N SER A 19 -4.64 17.10 -1.62
CA SER A 19 -4.64 15.85 -2.37
C SER A 19 -3.78 15.95 -3.63
N HIS A 20 -3.65 17.17 -4.17
CA HIS A 20 -2.79 17.39 -5.33
C HIS A 20 -1.31 17.25 -4.96
N MET A 21 -0.96 17.74 -3.77
CA MET A 21 0.39 17.54 -3.26
C MET A 21 0.63 16.10 -2.77
N ASP A 22 -0.38 15.47 -2.17
CA ASP A 22 -0.31 14.02 -1.88
C ASP A 22 0.09 13.25 -3.15
N ALA A 23 -0.52 13.63 -4.27
CA ALA A 23 -0.38 12.88 -5.52
C ALA A 23 1.06 12.93 -6.07
N LEU A 24 1.84 13.89 -5.58
CA LEU A 24 3.24 14.03 -6.01
C LEU A 24 4.17 13.07 -5.28
N ARG A 25 3.73 12.59 -4.12
CA ARG A 25 4.62 11.84 -3.22
C ARG A 25 4.53 10.32 -3.44
N TYR A 26 5.70 9.69 -3.59
CA TYR A 26 5.81 8.23 -3.78
C TYR A 26 6.89 7.76 -2.86
N HIS A 27 6.80 6.51 -2.43
CA HIS A 27 7.90 5.91 -1.72
C HIS A 27 8.27 4.53 -2.25
N ILE A 28 9.47 4.12 -1.89
CA ILE A 28 9.97 2.79 -2.17
C ILE A 28 9.57 1.84 -1.04
N GLU A 29 8.98 0.72 -1.41
CA GLU A 29 8.72 -0.34 -0.46
C GLU A 29 9.26 -1.64 -0.99
N TRP A 30 9.25 -2.66 -0.16
CA TRP A 30 9.78 -3.95 -0.53
C TRP A 30 8.73 -5.03 -0.26
N ASN A 31 8.39 -5.78 -1.31
CA ASN A 31 7.34 -6.78 -1.22
C ASN A 31 7.98 -8.15 -1.28
N ARG A 32 7.41 -9.10 -0.56
CA ARG A 32 7.86 -10.50 -0.64
C ARG A 32 7.56 -11.08 -2.02
N VAL A 33 8.54 -11.77 -2.61
CA VAL A 33 8.35 -12.47 -3.88
C VAL A 33 8.60 -13.97 -3.71
N ALA A 34 8.44 -14.73 -4.79
CA ALA A 34 8.44 -16.19 -4.70
C ALA A 34 9.79 -16.70 -4.27
N GLU A 35 9.82 -17.83 -3.55
CA GLU A 35 11.07 -18.56 -3.34
C GLU A 35 11.59 -19.07 -4.65
N PRO A 36 12.90 -18.91 -4.87
CA PRO A 36 13.48 -19.32 -6.13
C PRO A 36 13.49 -20.85 -6.25
N GLY A 37 13.78 -21.33 -7.45
CA GLY A 37 14.00 -22.73 -7.67
C GLY A 37 15.29 -23.22 -7.06
N THR A 38 15.51 -24.53 -7.12
CA THR A 38 16.51 -25.17 -6.28
C THR A 38 17.73 -25.64 -7.08
N ALA A 39 17.71 -25.38 -8.38
CA ALA A 39 18.83 -25.78 -9.23
C ALA A 39 19.73 -24.60 -9.52
N ARG A 40 21.03 -24.83 -9.48
CA ARG A 40 21.94 -23.77 -9.86
C ARG A 40 21.98 -23.65 -11.38
N PRO A 41 22.40 -22.47 -11.87
CA PRO A 41 22.44 -22.26 -13.31
C PRO A 41 23.17 -23.39 -14.02
N ALA A 42 22.67 -23.80 -15.18
CA ALA A 42 23.31 -24.87 -15.95
C ALA A 42 24.72 -24.47 -16.39
N GLY A 43 24.83 -23.28 -16.99
CA GLY A 43 26.11 -22.82 -17.52
C GLY A 43 27.00 -22.29 -16.42
N ARG A 44 28.22 -21.88 -16.78
CA ARG A 44 29.21 -21.46 -15.78
C ARG A 44 29.00 -20.00 -15.43
N LEU A 45 29.24 -19.66 -14.17
CA LEU A 45 29.31 -18.28 -13.76
C LEU A 45 30.71 -17.73 -13.82
N LEU A 46 30.79 -16.43 -14.00
CA LEU A 46 32.01 -15.66 -13.83
C LEU A 46 31.84 -14.73 -12.64
N ALA A 47 32.63 -14.95 -11.60
CA ALA A 47 32.62 -14.11 -10.42
C ALA A 47 33.73 -13.05 -10.51
N VAL A 48 33.38 -11.79 -10.27
CA VAL A 48 34.37 -10.70 -10.34
C VAL A 48 34.64 -10.14 -8.96
N ILE A 49 35.91 -10.17 -8.58
CA ILE A 49 36.34 -9.88 -7.22
C ILE A 49 37.32 -8.71 -7.21
N SER A 50 37.21 -7.84 -6.20
CA SER A 50 38.17 -6.75 -5.98
C SER A 50 39.26 -7.23 -5.02
N PRO A 51 40.48 -7.44 -5.54
CA PRO A 51 41.37 -8.40 -4.89
C PRO A 51 41.83 -7.91 -3.51
N ASP A 52 41.79 -6.60 -3.29
CA ASP A 52 42.18 -6.02 -2.01
C ASP A 52 41.01 -6.01 -1.01
N HIS A 53 39.83 -6.36 -1.49
CA HIS A 53 38.60 -6.20 -0.71
C HIS A 53 37.70 -7.42 -0.92
N ALA A 54 38.28 -8.60 -0.72
CA ALA A 54 37.57 -9.85 -0.87
C ALA A 54 37.64 -10.66 0.41
N GLY A 55 37.91 -9.97 1.51
CA GLY A 55 38.01 -10.61 2.83
C GLY A 55 36.70 -10.59 3.61
N ALA A 56 35.78 -9.71 3.23
CA ALA A 56 34.52 -9.54 3.97
C ALA A 56 33.77 -10.87 4.02
N PRO A 57 33.18 -11.21 5.17
CA PRO A 57 32.53 -12.51 5.33
C PRO A 57 31.52 -12.80 4.22
N TRP A 58 30.72 -11.81 3.84
CA TRP A 58 29.72 -12.08 2.82
C TRP A 58 30.35 -12.41 1.46
N VAL A 59 31.56 -11.90 1.20
CA VAL A 59 32.21 -12.14 -0.09
C VAL A 59 32.71 -13.58 -0.19
N THR A 60 33.32 -14.05 0.91
CA THR A 60 33.61 -15.48 1.12
C THR A 60 32.39 -16.37 0.99
N ALA A 61 31.32 -16.01 1.68
CA ALA A 61 30.11 -16.82 1.68
C ALA A 61 29.51 -16.94 0.26
N VAL A 62 29.52 -15.85 -0.49
CA VAL A 62 28.97 -15.88 -1.84
C VAL A 62 29.85 -16.70 -2.78
N LEU A 63 31.16 -16.49 -2.72
CA LEU A 63 32.10 -17.31 -3.49
C LEU A 63 31.91 -18.79 -3.20
N ASP A 64 31.68 -19.13 -1.95
CA ASP A 64 31.44 -20.51 -1.58
C ASP A 64 30.12 -21.01 -2.19
N ALA A 65 29.09 -20.17 -2.16
CA ALA A 65 27.78 -20.50 -2.75
C ALA A 65 27.84 -20.75 -4.27
N LEU A 66 28.64 -19.97 -4.98
CA LEU A 66 28.72 -20.07 -6.43
C LEU A 66 29.44 -21.36 -6.85
N GLY A 67 30.26 -21.88 -5.96
CA GLY A 67 30.87 -23.20 -6.16
C GLY A 67 32.17 -23.14 -6.97
N PRO A 68 32.94 -24.22 -6.95
CA PRO A 68 34.32 -24.14 -7.47
C PRO A 68 34.42 -24.19 -8.99
N ASP A 69 33.32 -24.49 -9.68
CA ASP A 69 33.29 -24.45 -11.14
C ASP A 69 33.23 -23.03 -11.66
N THR A 70 32.89 -22.11 -10.78
CA THR A 70 32.79 -20.70 -11.13
C THR A 70 34.13 -20.07 -11.41
N VAL A 71 34.23 -19.38 -12.54
CA VAL A 71 35.50 -18.78 -12.92
C VAL A 71 35.65 -17.44 -12.20
N ARG A 72 36.82 -17.26 -11.58
CA ARG A 72 37.12 -16.01 -10.89
C ARG A 72 37.92 -15.06 -11.78
N PHE A 73 37.51 -13.80 -11.76
CA PHE A 73 38.27 -12.73 -12.35
C PHE A 73 38.59 -11.70 -11.28
N GLU A 74 39.87 -11.49 -11.02
CA GLU A 74 40.29 -10.46 -10.09
C GLU A 74 40.48 -9.13 -10.83
N ALA A 75 39.67 -8.14 -10.45
CA ALA A 75 39.64 -6.88 -11.14
C ALA A 75 40.64 -5.93 -10.49
N LYS A 76 41.82 -5.85 -11.07
CA LYS A 76 42.94 -5.13 -10.46
C LYS A 76 42.96 -3.68 -10.95
N GLY A 77 43.03 -2.74 -10.01
CA GLY A 77 43.14 -1.34 -10.33
C GLY A 77 41.86 -0.79 -10.96
N THR A 78 42.02 0.16 -11.86
CA THR A 78 40.91 0.66 -12.65
C THR A 78 41.36 0.91 -14.09
N ASP A 79 41.55 -0.16 -14.84
CA ASP A 79 42.16 -0.06 -16.16
C ASP A 79 41.22 -0.70 -17.18
N ARG A 80 40.39 0.13 -17.80
CA ARG A 80 39.34 -0.37 -18.69
C ARG A 80 39.93 -1.27 -19.79
N ALA A 81 40.93 -0.74 -20.49
CA ALA A 81 41.51 -1.45 -21.64
C ALA A 81 42.13 -2.78 -21.23
N ALA A 82 42.78 -2.81 -20.06
CA ALA A 82 43.37 -4.04 -19.54
C ALA A 82 42.31 -5.08 -19.24
N TRP A 83 41.26 -4.65 -18.57
CA TRP A 83 40.17 -5.56 -18.23
C TRP A 83 39.48 -6.08 -19.46
N ALA A 84 39.27 -5.21 -20.43
CA ALA A 84 38.62 -5.60 -21.67
C ALA A 84 39.41 -6.70 -22.37
N ALA A 85 40.72 -6.55 -22.40
CA ALA A 85 41.62 -7.55 -22.99
C ALA A 85 41.60 -8.84 -22.20
N GLN A 86 41.55 -8.73 -20.88
CA GLN A 86 41.58 -9.91 -20.00
C GLN A 86 40.27 -10.69 -20.09
N LEU A 87 39.17 -9.95 -20.19
CA LEU A 87 37.85 -10.55 -20.27
C LEU A 87 37.64 -11.19 -21.64
N ALA A 88 38.20 -10.56 -22.68
CA ALA A 88 38.19 -11.12 -24.03
C ALA A 88 38.92 -12.45 -24.10
N GLN A 89 40.05 -12.54 -23.41
CA GLN A 89 40.81 -13.79 -23.34
C GLN A 89 40.05 -14.85 -22.53
N LEU A 90 39.41 -14.43 -21.45
CA LEU A 90 38.66 -15.35 -20.62
C LEU A 90 37.51 -15.98 -21.39
N ARG A 91 36.77 -15.15 -22.11
CA ARG A 91 35.71 -15.63 -22.99
C ARG A 91 36.27 -16.62 -24.02
N GLU A 92 37.35 -16.23 -24.69
CA GLU A 92 37.99 -17.11 -25.69
C GLU A 92 38.32 -18.47 -25.08
N ASP A 93 38.98 -18.46 -23.91
CA ASP A 93 39.43 -19.70 -23.26
C ASP A 93 38.28 -20.48 -22.63
N GLU A 94 37.37 -19.79 -21.93
CA GLU A 94 36.41 -20.46 -21.06
C GLU A 94 35.05 -20.63 -21.72
N GLY A 95 34.83 -19.93 -22.83
CA GLY A 95 33.53 -19.94 -23.53
C GLY A 95 32.50 -19.01 -22.89
N GLU A 96 31.23 -19.23 -23.19
CA GLU A 96 30.20 -18.30 -22.74
C GLU A 96 29.72 -18.63 -21.33
N PHE A 97 29.28 -17.59 -20.62
CA PHE A 97 28.92 -17.73 -19.23
C PHE A 97 27.40 -17.59 -19.12
N HIS A 98 26.80 -18.16 -18.08
CA HIS A 98 25.39 -17.94 -17.78
C HIS A 98 25.15 -16.51 -17.27
N ALA A 99 26.06 -16.05 -16.41
CA ALA A 99 25.96 -14.71 -15.83
C ALA A 99 27.31 -14.27 -15.31
N VAL A 100 27.44 -12.97 -15.10
CA VAL A 100 28.58 -12.41 -14.41
C VAL A 100 28.15 -11.89 -13.05
N VAL A 101 28.81 -12.35 -11.99
CA VAL A 101 28.40 -11.98 -10.63
C VAL A 101 29.49 -11.12 -10.01
N SER A 102 29.19 -9.83 -9.83
CA SER A 102 30.19 -8.90 -9.33
C SER A 102 30.12 -8.76 -7.81
N LEU A 103 31.26 -8.97 -7.17
CA LEU A 103 31.42 -8.73 -5.76
C LEU A 103 32.23 -7.45 -5.49
N LEU A 104 32.29 -6.58 -6.49
CA LEU A 104 33.13 -5.37 -6.41
C LEU A 104 32.62 -4.37 -5.36
N ALA A 105 31.34 -4.46 -5.01
CA ALA A 105 30.76 -3.51 -4.06
C ALA A 105 31.51 -3.50 -2.72
N ALA A 106 32.14 -4.62 -2.37
CA ALA A 106 32.79 -4.75 -1.07
C ALA A 106 33.92 -3.73 -0.93
N ALA A 107 34.40 -3.21 -2.05
CA ALA A 107 35.47 -2.23 -2.05
C ALA A 107 34.92 -0.82 -1.75
N GLU A 108 34.83 -0.50 -0.46
CA GLU A 108 34.16 0.72 -0.03
C GLU A 108 35.14 1.88 0.10
N ALA A 109 36.43 1.55 0.23
CA ALA A 109 37.46 2.56 0.37
C ALA A 109 37.45 3.47 -0.86
N LEU A 110 37.83 4.72 -0.65
CA LEU A 110 37.76 5.73 -1.70
C LEU A 110 38.96 5.56 -2.65
N HIS A 111 38.68 5.73 -3.93
CA HIS A 111 39.68 5.56 -4.98
C HIS A 111 40.85 6.53 -4.72
N THR A 112 42.07 6.02 -4.82
CA THR A 112 43.28 6.81 -4.54
C THR A 112 43.33 8.14 -5.33
N ASP A 113 42.86 8.12 -6.58
CA ASP A 113 42.98 9.30 -7.46
C ASP A 113 41.70 10.13 -7.53
N HIS A 114 40.60 9.56 -7.05
CA HIS A 114 39.29 10.18 -7.21
C HIS A 114 38.54 10.12 -5.89
N GLY A 115 38.74 11.14 -5.06
CA GLY A 115 38.50 11.01 -3.62
C GLY A 115 37.02 11.01 -3.24
N SER A 116 36.14 11.30 -4.18
CA SER A 116 34.72 11.18 -3.95
C SER A 116 34.11 9.90 -4.53
N VAL A 117 34.95 9.01 -5.08
CA VAL A 117 34.48 7.80 -5.73
C VAL A 117 34.93 6.55 -4.97
N PRO A 118 33.99 5.84 -4.35
CA PRO A 118 34.33 4.53 -3.78
C PRO A 118 34.92 3.59 -4.80
N LEU A 119 36.02 2.92 -4.45
CA LEU A 119 36.72 2.05 -5.41
C LEU A 119 35.76 1.07 -6.06
N GLY A 120 34.84 0.50 -5.28
CA GLY A 120 33.94 -0.51 -5.83
C GLY A 120 32.97 0.05 -6.86
N LEU A 121 32.65 1.32 -6.74
CA LEU A 121 31.78 1.98 -7.70
C LEU A 121 32.53 2.24 -9.00
N ALA A 122 33.75 2.76 -8.89
CA ALA A 122 34.64 2.94 -10.03
C ALA A 122 34.83 1.61 -10.76
N GLN A 123 35.16 0.57 -10.01
CA GLN A 123 35.43 -0.74 -10.63
C GLN A 123 34.17 -1.32 -11.28
N THR A 124 33.01 -1.08 -10.69
CA THR A 124 31.76 -1.59 -11.29
C THR A 124 31.45 -0.89 -12.62
N LEU A 125 31.66 0.42 -12.69
CA LEU A 125 31.53 1.16 -13.96
C LEU A 125 32.44 0.56 -15.02
N LEU A 126 33.71 0.38 -14.66
CA LEU A 126 34.67 -0.09 -15.61
C LEU A 126 34.38 -1.54 -16.01
N LEU A 127 33.85 -2.34 -15.08
CA LEU A 127 33.47 -3.70 -15.41
C LEU A 127 32.35 -3.71 -16.45
N ALA A 128 31.34 -2.87 -16.25
CA ALA A 128 30.23 -2.77 -17.19
C ALA A 128 30.72 -2.32 -18.57
N GLN A 129 31.70 -1.43 -18.56
CA GLN A 129 32.28 -0.93 -19.81
C GLN A 129 33.09 -2.02 -20.51
N ALA A 130 33.93 -2.70 -19.75
CA ALA A 130 34.86 -3.66 -20.33
C ALA A 130 34.16 -4.92 -20.80
N LEU A 131 33.07 -5.31 -20.12
CA LEU A 131 32.25 -6.41 -20.59
C LEU A 131 31.67 -6.10 -21.96
N GLY A 132 31.10 -4.91 -22.09
CA GLY A 132 30.67 -4.41 -23.40
C GLY A 132 31.80 -4.45 -24.44
N ASP A 133 32.95 -3.92 -24.05
CA ASP A 133 34.10 -3.84 -24.98
C ASP A 133 34.45 -5.22 -25.49
N ALA A 134 34.41 -6.20 -24.60
CA ALA A 134 34.91 -7.57 -24.91
C ALA A 134 33.88 -8.43 -25.63
N GLY A 135 32.60 -8.04 -25.58
CA GLY A 135 31.54 -8.85 -26.15
C GLY A 135 31.17 -10.01 -25.24
N LEU A 136 31.37 -9.85 -23.94
CA LEU A 136 30.81 -10.79 -22.97
C LEU A 136 29.43 -10.32 -22.59
N THR A 137 28.40 -11.04 -23.05
CA THR A 137 27.03 -10.54 -22.98
C THR A 137 26.26 -11.12 -21.81
N ALA A 138 26.87 -12.06 -21.10
CA ALA A 138 26.18 -12.73 -19.98
C ALA A 138 25.66 -11.67 -19.03
N PRO A 139 24.46 -11.87 -18.49
CA PRO A 139 23.88 -10.80 -17.70
C PRO A 139 24.71 -10.51 -16.46
N LEU A 140 24.86 -9.22 -16.16
CA LEU A 140 25.66 -8.77 -15.04
C LEU A 140 24.78 -8.56 -13.82
N TRP A 141 25.12 -9.26 -12.73
CA TRP A 141 24.48 -9.05 -11.45
C TRP A 141 25.44 -8.40 -10.48
N CYS A 142 24.98 -7.33 -9.83
CA CYS A 142 25.81 -6.65 -8.86
C CYS A 142 25.29 -6.94 -7.46
N LEU A 143 26.12 -7.59 -6.64
CA LEU A 143 25.76 -7.92 -5.26
C LEU A 143 26.23 -6.83 -4.27
N THR A 144 25.41 -6.57 -3.27
CA THR A 144 25.75 -5.65 -2.18
C THR A 144 25.34 -6.28 -0.86
N ARG A 145 25.87 -5.74 0.24
CA ARG A 145 25.55 -6.22 1.61
C ARG A 145 25.22 -4.99 2.45
N GLY A 146 23.94 -4.77 2.71
CA GLY A 146 23.51 -3.62 3.49
C GLY A 146 23.42 -2.31 2.68
N GLY A 147 23.26 -2.44 1.37
CA GLY A 147 23.12 -1.29 0.49
C GLY A 147 21.70 -0.77 0.39
N VAL A 148 20.74 -1.56 0.86
CA VAL A 148 19.34 -1.14 0.90
C VAL A 148 18.73 -1.50 2.25
N ALA A 149 17.64 -0.84 2.59
CA ALA A 149 16.84 -1.19 3.77
C ALA A 149 15.55 -1.81 3.30
N ALA A 150 15.49 -3.14 3.33
CA ALA A 150 14.41 -3.91 2.74
C ALA A 150 13.62 -4.62 3.83
N GLY A 151 12.38 -4.19 4.02
CA GLY A 151 11.61 -4.64 5.19
C GLY A 151 11.63 -3.64 6.33
N ARG A 152 10.52 -3.59 7.08
CA ARG A 152 10.50 -3.03 8.43
C ARG A 152 11.67 -3.56 9.27
N GLY A 153 12.43 -2.63 9.86
CA GLY A 153 13.42 -2.98 10.86
C GLY A 153 14.78 -3.33 10.26
N ASP A 154 14.85 -3.38 8.94
CA ASP A 154 16.12 -3.68 8.26
C ASP A 154 17.09 -2.51 8.40
N VAL A 155 18.37 -2.80 8.62
CA VAL A 155 19.38 -1.75 8.80
C VAL A 155 20.24 -1.59 7.53
N LEU A 156 20.15 -0.43 6.91
CA LEU A 156 21.07 -0.05 5.83
C LEU A 156 22.43 0.32 6.38
N SER A 157 23.36 -0.63 6.37
CA SER A 157 24.62 -0.47 7.06
C SER A 157 25.71 0.12 6.18
N SER A 158 25.51 0.07 4.84
CA SER A 158 26.49 0.64 3.92
C SER A 158 25.88 1.54 2.85
N PRO A 159 25.88 2.85 3.13
CA PRO A 159 25.38 3.81 2.14
C PRO A 159 26.30 3.97 0.96
N VAL A 160 27.56 3.64 1.14
CA VAL A 160 28.49 3.58 0.02
C VAL A 160 28.05 2.49 -1.00
N GLN A 161 27.72 1.32 -0.50
CA GLN A 161 27.23 0.26 -1.38
C GLN A 161 25.86 0.63 -1.97
N GLY A 162 25.10 1.46 -1.24
CA GLY A 162 23.83 1.96 -1.76
C GLY A 162 23.96 2.74 -3.05
N ALA A 163 25.06 3.48 -3.18
CA ALA A 163 25.30 4.31 -4.36
C ALA A 163 25.34 3.48 -5.62
N LEU A 164 25.79 2.24 -5.47
CA LEU A 164 25.87 1.34 -6.58
C LEU A 164 24.52 0.95 -7.21
N TRP A 165 23.47 0.92 -6.40
CA TRP A 165 22.13 0.69 -6.93
C TRP A 165 21.67 1.79 -7.91
N GLY A 166 22.12 3.04 -7.68
CA GLY A 166 21.78 4.13 -8.59
C GLY A 166 22.43 3.90 -9.93
N LEU A 167 23.70 3.53 -9.91
CA LEU A 167 24.40 3.18 -11.14
C LEU A 167 23.77 1.96 -11.81
N GLY A 168 23.49 0.92 -11.04
CA GLY A 168 22.93 -0.31 -11.61
C GLY A 168 21.60 -0.15 -12.35
N ARG A 169 20.68 0.63 -11.77
CA ARG A 169 19.44 0.93 -12.45
C ARG A 169 19.68 1.60 -13.83
N VAL A 170 20.70 2.45 -13.92
CA VAL A 170 20.98 3.13 -15.18
C VAL A 170 21.65 2.20 -16.20
N ILE A 171 22.46 1.27 -15.72
CA ILE A 171 22.96 0.20 -16.59
C ILE A 171 21.80 -0.67 -17.13
N GLY A 172 20.79 -0.89 -16.29
CA GLY A 172 19.59 -1.58 -16.75
C GLY A 172 18.85 -0.85 -17.86
N LEU A 173 18.85 0.47 -17.81
CA LEU A 173 18.19 1.28 -18.86
C LEU A 173 19.03 1.41 -20.14
N GLU A 174 20.35 1.44 -20.01
CA GLU A 174 21.25 1.70 -21.15
C GLU A 174 21.72 0.42 -21.83
N HIS A 175 21.83 -0.64 -21.05
CA HIS A 175 22.27 -1.94 -21.54
C HIS A 175 21.32 -3.06 -21.08
N PRO A 176 20.01 -2.91 -21.34
CA PRO A 176 18.98 -3.82 -20.80
C PRO A 176 19.22 -5.32 -21.14
N ASP A 177 19.88 -5.59 -22.26
CA ASP A 177 19.99 -6.98 -22.71
C ASP A 177 21.12 -7.73 -22.03
N ARG A 178 22.06 -6.99 -21.43
CA ARG A 178 23.17 -7.63 -20.73
C ARG A 178 23.26 -7.20 -19.28
N TRP A 179 22.11 -6.76 -18.74
CA TRP A 179 22.01 -6.44 -17.32
C TRP A 179 21.15 -7.46 -16.60
N GLY A 180 21.70 -8.03 -15.55
CA GLY A 180 20.94 -8.93 -14.69
C GLY A 180 20.13 -8.17 -13.67
N GLY A 181 20.81 -7.62 -12.68
CA GLY A 181 20.17 -6.83 -11.67
C GLY A 181 21.04 -6.62 -10.45
N LEU A 182 20.38 -6.28 -9.35
CA LEU A 182 21.02 -6.00 -8.10
C LEU A 182 20.41 -6.89 -7.06
N ILE A 183 21.27 -7.50 -6.23
CA ILE A 183 20.80 -8.30 -5.10
C ILE A 183 21.55 -7.88 -3.86
N ASP A 184 20.81 -7.66 -2.78
CA ASP A 184 21.42 -7.37 -1.49
C ASP A 184 21.37 -8.61 -0.61
N LEU A 185 22.53 -9.01 -0.11
CA LEU A 185 22.64 -10.13 0.78
C LEU A 185 22.43 -9.75 2.24
N PRO A 186 21.96 -10.70 3.05
CA PRO A 186 21.84 -10.47 4.47
C PRO A 186 23.21 -10.45 5.16
N GLU A 187 23.20 -10.18 6.46
CA GLU A 187 24.44 -10.07 7.23
C GLU A 187 25.10 -11.44 7.37
N THR A 188 24.28 -12.47 7.43
CA THR A 188 24.82 -13.83 7.47
C THR A 188 24.32 -14.63 6.29
N VAL A 189 25.24 -14.98 5.40
CA VAL A 189 24.88 -15.74 4.21
C VAL A 189 24.94 -17.24 4.50
N ASP A 190 23.88 -17.75 5.14
CA ASP A 190 23.73 -19.18 5.44
C ASP A 190 23.16 -19.93 4.27
N THR A 191 22.96 -21.23 4.45
CA THR A 191 22.59 -22.09 3.32
C THR A 191 21.26 -21.68 2.68
N ARG A 192 20.36 -21.10 3.49
CA ARG A 192 19.07 -20.61 2.98
C ARG A 192 19.28 -19.41 2.06
N ALA A 193 20.14 -18.48 2.49
CA ALA A 193 20.50 -17.31 1.69
C ALA A 193 21.24 -17.74 0.42
N ALA A 194 22.19 -18.64 0.56
CA ALA A 194 22.94 -19.17 -0.58
C ALA A 194 22.01 -19.73 -1.66
N ALA A 195 21.10 -20.61 -1.25
CA ALA A 195 20.14 -21.24 -2.18
C ALA A 195 19.25 -20.20 -2.88
N ARG A 196 18.85 -19.18 -2.14
CA ARG A 196 18.07 -18.10 -2.72
C ARG A 196 18.88 -17.30 -3.76
N LEU A 197 20.15 -17.08 -3.47
CA LEU A 197 21.02 -16.40 -4.44
C LEU A 197 21.16 -17.25 -5.71
N THR A 198 21.64 -18.47 -5.57
CA THR A 198 21.90 -19.29 -6.76
C THR A 198 20.62 -19.62 -7.53
N GLY A 199 19.49 -19.65 -6.82
CA GLY A 199 18.18 -19.76 -7.48
C GLY A 199 17.83 -18.56 -8.35
N LEU A 200 17.97 -17.36 -7.77
CA LEU A 200 17.74 -16.14 -8.50
C LEU A 200 18.65 -16.03 -9.73
N LEU A 201 19.89 -16.47 -9.61
CA LEU A 201 20.80 -16.41 -10.75
C LEU A 201 20.40 -17.41 -11.86
N ALA A 202 19.79 -18.52 -11.47
CA ALA A 202 19.18 -19.43 -12.42
C ALA A 202 17.99 -18.77 -13.15
N ASP A 203 17.11 -18.14 -12.37
CA ASP A 203 15.94 -17.45 -12.91
C ASP A 203 15.29 -16.60 -11.84
N ALA A 204 15.14 -15.32 -12.14
CA ALA A 204 14.76 -14.35 -11.12
C ALA A 204 13.33 -13.89 -11.35
N GLY A 205 12.62 -14.58 -12.24
CA GLY A 205 11.19 -14.34 -12.45
C GLY A 205 10.87 -12.92 -12.89
N GLY A 206 11.82 -12.31 -13.61
CA GLY A 206 11.62 -10.95 -14.11
C GLY A 206 11.86 -9.86 -13.06
N GLU A 207 12.33 -10.27 -11.87
CA GLU A 207 12.79 -9.30 -10.86
C GLU A 207 14.25 -8.94 -11.08
N ASP A 208 14.65 -7.74 -10.67
CA ASP A 208 16.01 -7.29 -10.91
C ASP A 208 16.49 -6.26 -9.89
N GLN A 209 15.72 -6.12 -8.81
CA GLN A 209 16.12 -5.33 -7.69
C GLN A 209 15.68 -6.01 -6.40
N LEU A 210 16.57 -6.80 -5.82
CA LEU A 210 16.17 -7.84 -4.88
C LEU A 210 16.93 -7.71 -3.58
N ALA A 211 16.34 -8.20 -2.50
CA ALA A 211 17.02 -8.32 -1.21
C ALA A 211 16.74 -9.70 -0.61
N ILE A 212 17.81 -10.41 -0.26
CA ILE A 212 17.68 -11.69 0.38
C ILE A 212 17.78 -11.50 1.88
N ARG A 213 16.73 -11.92 2.60
CA ARG A 213 16.68 -11.74 4.03
C ARG A 213 16.28 -13.06 4.71
N GLY A 214 16.44 -13.11 6.02
CA GLY A 214 16.20 -14.35 6.76
C GLY A 214 14.81 -14.90 6.48
N SER A 215 13.88 -14.01 6.24
CA SER A 215 12.47 -14.37 6.15
C SER A 215 12.06 -14.71 4.71
N GLY A 216 12.88 -14.33 3.74
CA GLY A 216 12.59 -14.64 2.35
C GLY A 216 13.21 -13.65 1.40
N VAL A 217 12.76 -13.68 0.16
CA VAL A 217 13.28 -12.78 -0.88
C VAL A 217 12.31 -11.64 -1.08
N LEU A 218 12.82 -10.42 -1.01
CA LEU A 218 12.03 -9.23 -1.23
C LEU A 218 12.46 -8.54 -2.51
N ALA A 219 11.53 -7.81 -3.12
CA ALA A 219 11.85 -7.00 -4.29
C ALA A 219 11.31 -5.59 -4.17
N ARG A 220 11.96 -4.69 -4.92
CA ARG A 220 11.79 -3.26 -4.74
C ARG A 220 10.57 -2.77 -5.52
N ARG A 221 9.79 -1.93 -4.88
CA ARG A 221 8.54 -1.45 -5.46
C ARG A 221 8.37 0.06 -5.24
N LEU A 222 7.82 0.73 -6.25
CA LEU A 222 7.38 2.10 -6.12
C LEU A 222 5.87 2.17 -5.87
N ALA A 223 5.48 2.98 -4.90
CA ALA A 223 4.06 3.11 -4.53
C ALA A 223 3.73 4.56 -4.22
N HIS A 224 2.48 4.95 -4.47
CA HIS A 224 1.92 6.15 -3.90
C HIS A 224 2.13 6.18 -2.39
N ALA A 225 2.55 7.35 -1.88
CA ALA A 225 2.74 7.51 -0.46
C ALA A 225 1.40 7.74 0.23
N ALA A 226 1.36 7.42 1.50
CA ALA A 226 0.19 7.67 2.32
C ALA A 226 -0.14 9.18 2.34
N PRO A 227 -1.45 9.51 2.28
CA PRO A 227 -1.87 10.91 2.32
C PRO A 227 -1.41 11.63 3.59
N ALA A 228 -1.15 12.92 3.46
CA ALA A 228 -0.74 13.76 4.58
C ALA A 228 -1.83 13.82 5.64
N VAL A 229 -1.42 13.95 6.90
CA VAL A 229 -2.38 14.09 8.00
C VAL A 229 -2.27 15.48 8.66
N PRO A 230 -3.23 16.38 8.36
CA PRO A 230 -3.29 17.62 9.14
C PRO A 230 -3.47 17.36 10.64
N GLY A 231 -2.67 18.05 11.45
CA GLY A 231 -2.48 17.65 12.85
C GLY A 231 -1.47 16.53 13.02
N SER A 232 -0.57 16.38 12.05
CA SER A 232 0.34 15.24 11.98
C SER A 232 1.30 15.19 13.16
N GLY A 233 1.62 16.35 13.68
CA GLY A 233 2.68 16.48 14.67
C GLY A 233 4.02 16.10 14.10
N LYS A 234 4.86 15.53 14.95
CA LYS A 234 6.21 15.10 14.58
C LYS A 234 7.16 16.28 14.40
N ARG A 235 6.87 17.15 13.42
CA ARG A 235 7.84 18.18 13.04
C ARG A 235 7.85 19.32 14.05
N PRO A 236 9.03 19.61 14.64
CA PRO A 236 9.15 20.80 15.46
C PRO A 236 9.03 22.07 14.61
N PRO A 237 8.58 23.16 15.23
CA PRO A 237 8.67 24.50 14.64
C PRO A 237 10.05 24.78 14.05
N VAL A 238 10.06 25.43 12.89
CA VAL A 238 11.28 25.97 12.31
C VAL A 238 11.77 27.17 13.14
N HIS A 239 13.03 27.11 13.56
CA HIS A 239 13.60 28.14 14.43
C HIS A 239 15.12 28.09 14.38
N GLY A 240 15.78 29.08 14.97
CA GLY A 240 17.24 29.08 15.07
C GLY A 240 17.90 29.24 13.71
N SER A 241 19.09 28.64 13.55
CA SER A 241 19.82 28.68 12.27
C SER A 241 19.54 27.44 11.43
N VAL A 242 19.39 27.66 10.13
CA VAL A 242 19.19 26.57 9.18
C VAL A 242 20.17 26.70 8.04
N LEU A 243 20.92 25.64 7.79
CA LEU A 243 21.93 25.62 6.74
C LEU A 243 21.31 25.07 5.47
N VAL A 244 21.33 25.87 4.41
CA VAL A 244 20.97 25.40 3.08
C VAL A 244 22.21 25.43 2.18
N THR A 245 22.79 24.26 1.91
CA THR A 245 23.86 24.21 0.91
C THR A 245 23.24 24.32 -0.48
N GLY A 246 23.99 24.89 -1.41
CA GLY A 246 23.41 25.28 -2.70
C GLY A 246 22.28 26.26 -2.50
N GLY A 247 22.38 27.07 -1.45
CA GLY A 247 21.26 27.89 -1.01
C GLY A 247 21.04 29.12 -1.87
N THR A 248 22.03 29.45 -2.69
CA THR A 248 21.88 30.51 -3.67
C THR A 248 21.29 30.01 -4.98
N GLY A 249 21.13 28.69 -5.09
CA GLY A 249 20.64 28.06 -6.32
C GLY A 249 19.13 28.12 -6.43
N GLY A 250 18.59 27.46 -7.44
CA GLY A 250 17.17 27.64 -7.81
C GLY A 250 16.23 27.09 -6.75
N ILE A 251 16.34 25.80 -6.48
CA ILE A 251 15.51 25.17 -5.45
C ILE A 251 15.91 25.67 -4.08
N GLY A 252 17.22 25.81 -3.87
CA GLY A 252 17.74 26.22 -2.55
C GLY A 252 17.23 27.59 -2.13
N GLY A 253 17.14 28.50 -3.08
CA GLY A 253 16.62 29.84 -2.80
C GLY A 253 15.16 29.83 -2.38
N ARG A 254 14.36 28.99 -3.05
CA ARG A 254 12.95 28.91 -2.76
C ARG A 254 12.74 28.26 -1.39
N VAL A 255 13.51 27.21 -1.13
CA VAL A 255 13.51 26.55 0.17
C VAL A 255 13.88 27.53 1.29
N ALA A 256 14.89 28.36 1.05
CA ALA A 256 15.28 29.39 2.02
C ALA A 256 14.12 30.34 2.31
N ARG A 257 13.42 30.75 1.27
CA ARG A 257 12.29 31.68 1.43
C ARG A 257 11.21 31.05 2.27
N ARG A 258 10.90 29.79 1.97
CA ARG A 258 9.90 29.04 2.73
C ARG A 258 10.27 28.96 4.20
N LEU A 259 11.54 28.66 4.49
CA LEU A 259 11.99 28.56 5.87
C LEU A 259 11.96 29.90 6.56
N ALA A 260 12.17 30.97 5.80
CA ALA A 260 12.05 32.33 6.36
C ALA A 260 10.60 32.62 6.71
N GLU A 261 9.69 32.24 5.82
CA GLU A 261 8.23 32.39 6.07
C GLU A 261 7.80 31.65 7.32
N GLN A 262 8.47 30.55 7.62
CA GLN A 262 8.02 29.61 8.64
C GLN A 262 8.78 29.80 9.96
N GLY A 263 9.64 30.81 10.00
CA GLY A 263 10.10 31.38 11.26
C GLY A 263 11.57 31.16 11.60
N ALA A 264 12.37 30.67 10.64
CA ALA A 264 13.82 30.55 10.86
C ALA A 264 14.35 31.89 11.35
N ALA A 265 15.24 31.87 12.35
CA ALA A 265 15.89 33.10 12.82
C ALA A 265 17.01 33.54 11.89
N HIS A 266 17.65 32.56 11.26
CA HIS A 266 18.94 32.77 10.61
C HIS A 266 19.14 31.72 9.51
N LEU A 267 19.28 32.19 8.28
CA LEU A 267 19.53 31.32 7.15
C LEU A 267 20.99 31.43 6.73
N VAL A 268 21.65 30.29 6.66
CA VAL A 268 23.02 30.22 6.20
C VAL A 268 23.03 29.55 4.84
N LEU A 269 23.29 30.34 3.81
CA LEU A 269 23.29 29.85 2.45
C LEU A 269 24.70 29.67 1.98
N THR A 270 25.00 28.49 1.43
CA THR A 270 26.32 28.27 0.83
C THR A 270 26.25 27.88 -0.63
N SER A 271 27.33 28.18 -1.32
CA SER A 271 27.60 27.66 -2.64
C SER A 271 29.05 27.99 -2.91
N ARG A 272 29.60 27.47 -3.98
CA ARG A 272 30.99 27.79 -4.32
C ARG A 272 31.18 29.28 -4.64
N ARG A 273 30.22 29.90 -5.32
CA ARG A 273 30.31 31.35 -5.65
C ARG A 273 29.83 32.26 -4.50
N GLY A 274 29.05 31.72 -3.57
CA GLY A 274 28.59 32.47 -2.41
C GLY A 274 27.86 33.75 -2.79
N ALA A 275 28.35 34.87 -2.26
CA ALA A 275 27.69 36.16 -2.48
C ALA A 275 27.81 36.65 -3.93
N ASP A 276 28.69 36.02 -4.71
CA ASP A 276 28.82 36.38 -6.13
C ASP A 276 27.92 35.51 -7.02
N ALA A 277 27.12 34.64 -6.42
CA ALA A 277 26.23 33.79 -7.19
C ALA A 277 25.17 34.64 -7.89
N PRO A 278 24.76 34.23 -9.09
CA PRO A 278 23.79 35.06 -9.80
C PRO A 278 22.52 35.27 -8.97
N GLY A 279 22.26 36.53 -8.61
CA GLY A 279 21.00 36.91 -7.98
C GLY A 279 21.03 36.80 -6.46
N ALA A 280 22.21 36.56 -5.90
CA ALA A 280 22.36 36.37 -4.46
C ALA A 280 21.98 37.65 -3.69
N ALA A 281 22.30 38.81 -4.28
CA ALA A 281 21.95 40.09 -3.65
C ALA A 281 20.44 40.21 -3.50
N GLU A 282 19.72 39.81 -4.55
CA GLU A 282 18.26 39.92 -4.56
C GLU A 282 17.63 38.91 -3.62
N LEU A 283 18.22 37.73 -3.54
CA LEU A 283 17.74 36.70 -2.61
C LEU A 283 17.94 37.16 -1.15
N ARG A 284 19.08 37.76 -0.87
CA ARG A 284 19.37 38.21 0.48
C ARG A 284 18.34 39.30 0.89
N ALA A 285 18.05 40.21 -0.03
CA ALA A 285 17.07 41.28 0.24
C ALA A 285 15.66 40.70 0.47
N GLU A 286 15.27 39.74 -0.37
CA GLU A 286 13.97 39.07 -0.21
C GLU A 286 13.84 38.44 1.19
N LEU A 287 14.88 37.72 1.62
CA LEU A 287 14.84 37.02 2.90
C LEU A 287 14.89 37.99 4.07
N GLU A 288 15.70 39.05 3.94
CA GLU A 288 15.85 40.01 5.01
C GLU A 288 14.58 40.85 5.18
N GLN A 289 13.84 41.06 4.09
CA GLN A 289 12.51 41.70 4.19
C GLN A 289 11.59 40.96 5.18
N LEU A 290 11.73 39.64 5.21
CA LEU A 290 10.87 38.77 6.04
C LEU A 290 11.34 38.73 7.50
N GLY A 291 12.41 39.45 7.80
CA GLY A 291 12.86 39.64 9.18
C GLY A 291 13.98 38.70 9.58
N VAL A 292 14.46 37.91 8.62
CA VAL A 292 15.46 36.87 8.90
C VAL A 292 16.90 37.36 8.66
N ARG A 293 17.75 37.07 9.60
CA ARG A 293 19.20 37.18 9.44
C ARG A 293 19.70 36.25 8.33
N VAL A 294 20.56 36.76 7.45
CA VAL A 294 21.05 35.98 6.32
C VAL A 294 22.57 35.99 6.24
N THR A 295 23.16 34.80 6.18
CA THR A 295 24.59 34.63 5.94
C THR A 295 24.79 33.88 4.64
N ILE A 296 25.54 34.47 3.72
CA ILE A 296 25.90 33.78 2.48
C ILE A 296 27.39 33.56 2.42
N ALA A 297 27.80 32.29 2.39
CA ALA A 297 29.22 31.95 2.45
C ALA A 297 29.63 31.25 1.17
N ALA A 298 30.83 31.58 0.71
CA ALA A 298 31.41 30.91 -0.43
C ALA A 298 32.28 29.73 0.04
N CYS A 299 31.94 28.52 -0.39
CA CYS A 299 32.25 27.35 0.40
C CYS A 299 31.95 26.12 -0.47
N ASP A 300 32.97 25.33 -0.81
CA ASP A 300 32.73 24.00 -1.45
C ASP A 300 32.17 23.07 -0.38
N ALA A 301 31.01 22.46 -0.66
CA ALA A 301 30.32 21.65 0.34
C ALA A 301 31.15 20.40 0.67
N ALA A 302 32.07 20.04 -0.20
CA ALA A 302 32.95 18.90 0.06
C ALA A 302 34.20 19.29 0.87
N ASP A 303 34.29 20.57 1.22
CA ASP A 303 35.41 21.07 2.01
C ASP A 303 35.10 20.96 3.52
N ARG A 304 35.59 19.90 4.14
CA ARG A 304 35.28 19.62 5.54
C ARG A 304 35.68 20.77 6.48
N GLU A 305 36.92 21.25 6.32
CA GLU A 305 37.43 22.35 7.17
C GLU A 305 36.57 23.61 7.11
N ALA A 306 36.07 23.96 5.92
CA ALA A 306 35.23 25.16 5.77
C ALA A 306 33.89 24.97 6.47
N LEU A 307 33.32 23.77 6.34
CA LEU A 307 32.08 23.46 7.02
C LEU A 307 32.26 23.52 8.53
N ALA A 308 33.37 22.98 9.03
CA ALA A 308 33.64 23.02 10.48
C ALA A 308 33.70 24.48 10.94
N ALA A 309 34.27 25.34 10.11
CA ALA A 309 34.53 26.73 10.52
C ALA A 309 33.22 27.50 10.48
N LEU A 310 32.40 27.19 9.49
CA LEU A 310 31.05 27.70 9.40
C LEU A 310 30.22 27.35 10.63
N LEU A 311 30.27 26.08 11.05
CA LEU A 311 29.50 25.66 12.21
C LEU A 311 30.00 26.29 13.52
N ALA A 312 31.29 26.56 13.58
CA ALA A 312 31.90 27.07 14.82
C ALA A 312 31.52 28.55 15.05
N GLU A 313 31.03 29.18 14.00
CA GLU A 313 30.75 30.61 14.02
C GLU A 313 29.30 30.93 14.38
N LEU A 314 28.46 29.90 14.46
CA LEU A 314 27.02 30.13 14.57
C LEU A 314 26.66 30.83 15.88
N PRO A 315 25.66 31.74 15.83
CA PRO A 315 25.32 32.50 17.05
C PRO A 315 24.89 31.57 18.18
N GLU A 316 25.24 31.92 19.41
CA GLU A 316 24.79 31.17 20.57
C GLU A 316 23.25 31.21 20.73
N ASP A 317 22.64 32.30 20.25
CA ASP A 317 21.19 32.46 20.35
C ASP A 317 20.42 31.90 19.15
N ALA A 318 21.15 31.34 18.18
CA ALA A 318 20.53 30.71 17.00
C ALA A 318 21.31 29.46 16.60
N PRO A 319 21.29 28.44 17.46
CA PRO A 319 21.99 27.20 17.14
C PRO A 319 21.46 26.58 15.85
N LEU A 320 22.26 25.71 15.24
CA LEU A 320 21.82 24.96 14.06
C LEU A 320 20.70 24.04 14.44
N THR A 321 19.59 24.11 13.70
CA THR A 321 18.46 23.22 13.95
C THR A 321 18.19 22.28 12.77
N ALA A 322 18.64 22.64 11.56
CA ALA A 322 18.33 21.87 10.39
C ALA A 322 19.35 22.09 9.28
N VAL A 323 19.56 21.05 8.49
CA VAL A 323 20.36 21.12 7.27
C VAL A 323 19.47 20.76 6.09
N PHE A 324 19.55 21.56 5.03
CA PHE A 324 18.92 21.22 3.77
C PHE A 324 19.99 21.19 2.71
N HIS A 325 20.31 20.01 2.21
CA HIS A 325 21.45 19.85 1.34
C HIS A 325 21.05 19.88 -0.13
N SER A 326 21.16 21.06 -0.74
CA SER A 326 20.68 21.31 -2.10
C SER A 326 21.86 21.44 -3.09
N ALA A 327 23.08 21.49 -2.56
CA ALA A 327 24.27 21.57 -3.41
C ALA A 327 24.31 20.37 -4.38
N GLY A 328 24.53 20.64 -5.66
CA GLY A 328 24.60 19.58 -6.66
C GLY A 328 24.80 20.10 -8.06
N VAL A 329 25.47 19.30 -8.88
CA VAL A 329 25.53 19.52 -10.32
C VAL A 329 25.04 18.26 -11.05
N ALA A 330 24.49 18.43 -12.25
CA ALA A 330 24.08 17.29 -13.08
C ALA A 330 24.82 17.24 -14.43
N HIS A 331 25.60 18.28 -14.74
CA HIS A 331 26.20 18.43 -16.08
C HIS A 331 27.50 17.60 -16.21
N ASP A 332 27.91 17.35 -17.45
CA ASP A 332 29.11 16.56 -17.76
C ASP A 332 29.02 15.14 -17.15
N ASP A 333 27.81 14.60 -17.19
CA ASP A 333 27.59 13.18 -17.08
C ASP A 333 27.73 12.59 -18.47
N ALA A 334 27.58 11.28 -18.58
CA ALA A 334 27.76 10.61 -19.85
C ALA A 334 27.17 9.21 -19.77
N PRO A 335 26.83 8.63 -20.92
CA PRO A 335 26.40 7.23 -20.89
C PRO A 335 27.40 6.32 -20.19
N VAL A 336 26.88 5.25 -19.58
CA VAL A 336 27.69 4.21 -18.97
C VAL A 336 28.90 3.79 -19.82
N ALA A 337 28.71 3.69 -21.14
CA ALA A 337 29.79 3.21 -22.04
C ALA A 337 30.93 4.24 -22.16
N ASP A 338 30.65 5.47 -21.75
CA ASP A 338 31.57 6.61 -22.02
C ASP A 338 32.14 7.25 -20.75
N LEU A 339 31.40 7.17 -19.66
CA LEU A 339 31.69 7.98 -18.46
C LEU A 339 33.10 7.72 -17.94
N THR A 340 33.85 8.79 -17.64
CA THR A 340 35.21 8.65 -17.06
C THR A 340 35.13 8.69 -15.54
N LEU A 341 36.18 8.23 -14.86
CA LEU A 341 36.21 8.34 -13.41
C LEU A 341 36.32 9.79 -12.96
N GLY A 342 36.98 10.62 -13.77
CA GLY A 342 37.06 12.06 -13.50
C GLY A 342 35.69 12.75 -13.53
N GLN A 343 34.88 12.38 -14.51
CA GLN A 343 33.52 12.86 -14.59
C GLN A 343 32.72 12.38 -13.39
N LEU A 344 32.83 11.09 -13.09
CA LEU A 344 32.14 10.51 -11.96
C LEU A 344 32.51 11.28 -10.68
N ASP A 345 33.80 11.48 -10.45
CA ASP A 345 34.25 12.19 -9.25
C ASP A 345 33.56 13.52 -9.13
N ALA A 346 33.48 14.27 -10.22
CA ALA A 346 32.93 15.64 -10.17
C ALA A 346 31.44 15.62 -9.85
N LEU A 347 30.75 14.55 -10.26
CA LEU A 347 29.33 14.37 -9.93
C LEU A 347 29.09 13.89 -8.50
N MET A 348 30.03 13.11 -7.95
CA MET A 348 29.88 12.56 -6.59
C MET A 348 30.20 13.60 -5.51
N ARG A 349 31.10 14.53 -5.84
CA ARG A 349 31.74 15.43 -4.84
C ARG A 349 30.73 16.14 -3.92
N ALA A 350 29.77 16.83 -4.52
CA ALA A 350 28.78 17.59 -3.76
C ALA A 350 27.78 16.71 -3.05
N LYS A 351 27.75 15.42 -3.42
CA LYS A 351 26.72 14.55 -2.91
C LYS A 351 27.27 13.67 -1.81
N LEU A 352 28.09 12.68 -2.20
CA LEU A 352 28.70 11.75 -1.27
C LEU A 352 29.63 12.46 -0.26
N THR A 353 30.63 13.18 -0.77
CA THR A 353 31.65 13.75 0.11
C THR A 353 31.05 14.87 1.01
N ALA A 354 30.20 15.71 0.42
CA ALA A 354 29.59 16.80 1.16
C ALA A 354 28.63 16.25 2.20
N ALA A 355 27.81 15.26 1.82
CA ALA A 355 26.80 14.73 2.73
C ALA A 355 27.46 13.96 3.87
N ARG A 356 28.58 13.29 3.60
CA ARG A 356 29.28 12.58 4.65
C ARG A 356 29.86 13.56 5.68
N HIS A 357 30.41 14.67 5.20
CA HIS A 357 30.89 15.71 6.11
C HIS A 357 29.75 16.30 6.95
N LEU A 358 28.62 16.59 6.30
CA LEU A 358 27.46 17.16 7.01
C LEU A 358 26.97 16.20 8.07
N HIS A 359 26.96 14.90 7.72
CA HIS A 359 26.52 13.88 8.64
C HIS A 359 27.43 13.80 9.84
N GLU A 360 28.72 13.75 9.61
CA GLU A 360 29.69 13.53 10.71
C GLU A 360 29.80 14.78 11.61
N LEU A 361 29.71 15.96 11.01
CA LEU A 361 29.96 17.19 11.76
C LEU A 361 28.73 17.65 12.55
N THR A 362 27.55 17.16 12.18
CA THR A 362 26.33 17.56 12.88
C THR A 362 25.71 16.43 13.68
N ALA A 363 26.34 15.26 13.65
CA ALA A 363 25.76 14.07 14.28
C ALA A 363 25.48 14.29 15.77
N ASP A 364 26.25 15.20 16.39
CA ASP A 364 26.16 15.42 17.82
C ASP A 364 25.27 16.63 18.18
N LEU A 365 24.58 17.18 17.19
CA LEU A 365 23.89 18.47 17.38
C LEU A 365 22.38 18.32 17.59
N ASP A 366 21.89 17.08 17.51
CA ASP A 366 20.48 16.80 17.74
C ASP A 366 19.60 17.70 16.88
N LEU A 367 19.86 17.68 15.58
CA LEU A 367 19.08 18.44 14.61
C LEU A 367 17.63 17.99 14.60
N ASP A 368 16.74 18.92 14.25
CA ASP A 368 15.35 18.59 14.01
C ASP A 368 15.15 17.96 12.62
N ALA A 369 16.01 18.33 11.68
CA ALA A 369 15.85 17.92 10.30
C ALA A 369 17.19 17.86 9.59
N PHE A 370 17.38 16.81 8.80
CA PHE A 370 18.57 16.62 8.01
C PHE A 370 18.18 16.15 6.61
N VAL A 371 17.94 17.12 5.74
CA VAL A 371 17.19 16.91 4.52
C VAL A 371 18.13 16.89 3.33
N LEU A 372 18.10 15.81 2.57
CA LEU A 372 18.99 15.68 1.42
C LEU A 372 18.18 15.69 0.13
N PHE A 373 18.63 16.46 -0.86
CA PHE A 373 17.89 16.57 -2.10
C PHE A 373 18.46 15.58 -3.14
N SER A 374 17.75 14.47 -3.31
CA SER A 374 18.06 13.46 -4.30
C SER A 374 17.29 13.72 -5.60
N SER A 375 17.10 12.67 -6.40
CA SER A 375 16.52 12.77 -7.74
C SER A 375 15.84 11.44 -8.15
N GLY A 376 14.80 11.56 -8.98
CA GLY A 376 14.22 10.44 -9.63
C GLY A 376 15.26 9.61 -10.37
N ALA A 377 16.34 10.26 -10.81
CA ALA A 377 17.38 9.54 -11.54
C ALA A 377 17.98 8.44 -10.65
N ALA A 378 17.95 8.66 -9.35
CA ALA A 378 18.42 7.67 -8.38
C ALA A 378 17.33 6.64 -8.02
N VAL A 379 16.08 7.07 -8.07
CA VAL A 379 15.01 6.22 -7.54
C VAL A 379 14.54 5.20 -8.57
N TRP A 380 14.29 5.64 -9.80
CA TRP A 380 13.90 4.73 -10.90
C TRP A 380 14.98 4.57 -11.97
N GLY A 381 15.84 5.58 -12.10
CA GLY A 381 16.90 5.54 -13.10
C GLY A 381 16.64 6.44 -14.27
N SER A 382 17.72 6.88 -14.92
CA SER A 382 17.61 7.76 -16.08
C SER A 382 18.79 7.52 -17.00
N GLY A 383 18.47 7.14 -18.24
CA GLY A 383 19.48 6.96 -19.26
C GLY A 383 20.30 8.20 -19.45
N GLY A 384 21.61 8.00 -19.60
CA GLY A 384 22.54 9.11 -19.80
C GLY A 384 23.01 9.79 -18.50
N GLN A 385 22.52 9.33 -17.36
CA GLN A 385 22.80 9.97 -16.08
C GLN A 385 23.36 8.99 -15.01
N PRO A 386 24.28 8.13 -15.41
CA PRO A 386 24.76 7.15 -14.42
C PRO A 386 25.45 7.80 -13.21
N GLY A 387 26.29 8.81 -13.44
CA GLY A 387 27.06 9.42 -12.35
C GLY A 387 26.18 10.22 -11.39
N TYR A 388 25.20 10.91 -11.97
CA TYR A 388 24.18 11.63 -11.16
C TYR A 388 23.31 10.65 -10.38
N ALA A 389 22.95 9.52 -11.00
CA ALA A 389 22.12 8.52 -10.32
C ALA A 389 22.87 7.95 -9.13
N ALA A 390 24.13 7.58 -9.34
CA ALA A 390 24.94 7.00 -8.26
C ALA A 390 25.08 8.00 -7.11
N ALA A 391 25.37 9.25 -7.45
CA ALA A 391 25.61 10.28 -6.45
C ALA A 391 24.36 10.47 -5.58
N ASN A 392 23.21 10.55 -6.24
CA ASN A 392 21.95 10.80 -5.52
C ASN A 392 21.46 9.58 -4.76
N ALA A 393 21.79 8.38 -5.24
CA ALA A 393 21.42 7.16 -4.55
C ALA A 393 22.18 7.01 -3.23
N TYR A 394 23.39 7.58 -3.15
CA TYR A 394 24.11 7.69 -1.88
C TYR A 394 23.29 8.46 -0.84
N LEU A 395 22.67 9.55 -1.26
CA LEU A 395 21.88 10.38 -0.35
C LEU A 395 20.69 9.58 0.22
N ASP A 396 19.96 8.93 -0.66
CA ASP A 396 18.83 8.09 -0.23
C ASP A 396 19.28 7.03 0.75
N ALA A 397 20.45 6.48 0.53
CA ALA A 397 20.96 5.45 1.41
C ALA A 397 21.42 6.00 2.74
N LEU A 398 22.15 7.11 2.71
CA LEU A 398 22.59 7.77 3.94
C LEU A 398 21.42 8.09 4.86
N ALA A 399 20.29 8.49 4.29
CA ALA A 399 19.11 8.84 5.10
C ALA A 399 18.60 7.64 5.91
N GLU A 400 18.43 6.49 5.24
CA GLU A 400 18.05 5.26 5.92
C GLU A 400 19.08 4.91 6.97
N HIS A 401 20.35 4.95 6.56
CA HIS A 401 21.43 4.62 7.47
C HIS A 401 21.37 5.48 8.74
N ARG A 402 21.21 6.79 8.58
CA ARG A 402 21.12 7.69 9.73
C ARG A 402 19.97 7.31 10.67
N ARG A 403 18.82 6.95 10.10
CA ARG A 403 17.67 6.53 10.91
C ARG A 403 18.02 5.33 11.79
N SER A 404 18.80 4.38 11.24
CA SER A 404 19.25 3.22 12.01
C SER A 404 20.17 3.59 13.17
N LEU A 405 20.77 4.77 13.10
CA LEU A 405 21.64 5.25 14.19
C LEU A 405 20.88 6.07 15.22
N GLY A 406 19.58 6.26 14.99
CA GLY A 406 18.77 7.12 15.86
C GLY A 406 18.87 8.61 15.53
N LEU A 407 19.33 8.91 14.32
CA LEU A 407 19.44 10.29 13.88
C LEU A 407 18.32 10.60 12.90
N THR A 408 17.90 11.85 12.84
CA THR A 408 16.90 12.25 11.86
C THR A 408 17.54 12.32 10.47
N ALA A 409 16.76 11.99 9.46
CA ALA A 409 17.16 12.17 8.07
C ALA A 409 15.95 12.07 7.16
N SER A 410 15.95 12.85 6.08
CA SER A 410 14.94 12.73 5.04
C SER A 410 15.59 12.97 3.69
N SER A 411 15.43 12.01 2.79
CA SER A 411 15.88 12.18 1.43
C SER A 411 14.70 12.43 0.51
N VAL A 412 14.73 13.55 -0.19
CA VAL A 412 13.66 13.92 -1.10
C VAL A 412 14.16 13.81 -2.53
N ALA A 413 13.70 12.79 -3.25
CA ALA A 413 14.11 12.58 -4.64
C ALA A 413 13.18 13.32 -5.58
N TRP A 414 13.58 14.50 -5.99
CA TRP A 414 12.74 15.34 -6.82
C TRP A 414 12.59 14.73 -8.21
N GLY A 415 11.43 14.95 -8.82
CA GLY A 415 11.24 14.76 -10.25
C GLY A 415 11.80 15.91 -11.06
N THR A 416 10.91 16.76 -11.58
CA THR A 416 11.29 17.98 -12.30
C THR A 416 10.68 19.23 -11.69
N TRP A 417 11.52 20.24 -11.40
CA TRP A 417 11.02 21.56 -10.96
C TRP A 417 10.79 22.50 -12.15
N GLY A 418 9.68 23.20 -12.12
CA GLY A 418 9.48 24.37 -12.98
C GLY A 418 10.01 25.65 -12.35
N GLU A 419 10.25 26.65 -13.20
CA GLU A 419 10.40 28.07 -12.77
C GLU A 419 11.84 28.42 -12.35
N VAL A 420 12.42 27.59 -11.49
CA VAL A 420 13.79 27.78 -11.03
C VAL A 420 14.56 26.49 -11.15
N GLY A 421 15.88 26.61 -11.25
CA GLY A 421 16.76 25.47 -11.11
C GLY A 421 17.18 24.84 -12.43
N MET A 422 17.73 23.64 -12.34
CA MET A 422 18.45 23.02 -13.44
C MET A 422 17.59 22.84 -14.68
N ALA A 423 16.30 22.56 -14.48
CA ALA A 423 15.45 22.02 -15.54
C ALA A 423 14.73 23.11 -16.34
N THR A 424 15.17 24.35 -16.16
CA THR A 424 14.47 25.49 -16.76
C THR A 424 15.01 25.82 -18.16
N ASP A 425 16.12 25.17 -18.53
CA ASP A 425 16.55 25.14 -19.93
C ASP A 425 15.50 24.43 -20.78
N PRO A 426 14.97 25.11 -21.82
CA PRO A 426 13.85 24.54 -22.58
C PRO A 426 14.14 23.17 -23.21
N GLU A 427 15.42 22.91 -23.54
CA GLU A 427 15.81 21.65 -24.16
C GLU A 427 15.75 20.48 -23.16
N VAL A 428 16.25 20.72 -21.95
CA VAL A 428 16.11 19.77 -20.86
C VAL A 428 14.64 19.57 -20.51
N HIS A 429 13.91 20.68 -20.40
CA HIS A 429 12.49 20.65 -20.06
C HIS A 429 11.71 19.79 -21.07
N ASP A 430 12.06 19.92 -22.35
CA ASP A 430 11.32 19.26 -23.43
C ASP A 430 11.54 17.75 -23.40
N ARG A 431 12.79 17.34 -23.18
CA ARG A 431 13.11 15.92 -23.06
C ARG A 431 12.35 15.29 -21.89
N LEU A 432 12.28 16.02 -20.78
CA LEU A 432 11.69 15.49 -19.55
C LEU A 432 10.19 15.28 -19.73
N VAL A 433 9.54 16.25 -20.37
CA VAL A 433 8.10 16.15 -20.66
C VAL A 433 7.79 14.95 -21.58
N ARG A 434 8.65 14.73 -22.57
CA ARG A 434 8.49 13.59 -23.48
C ARG A 434 8.69 12.23 -22.77
N GLN A 435 9.41 12.23 -21.66
CA GLN A 435 9.52 11.00 -20.85
C GLN A 435 8.39 10.92 -19.80
N GLY A 436 7.61 11.99 -19.67
CA GLY A 436 6.45 11.99 -18.78
C GLY A 436 6.76 12.38 -17.35
N VAL A 437 7.95 12.92 -17.11
CA VAL A 437 8.27 13.53 -15.83
C VAL A 437 8.05 15.03 -15.90
N LEU A 438 6.89 15.48 -15.47
CA LEU A 438 6.44 16.86 -15.74
C LEU A 438 7.00 17.85 -14.74
N ALA A 439 7.03 19.11 -15.15
CA ALA A 439 7.55 20.18 -14.31
C ALA A 439 6.56 20.56 -13.23
N MET A 440 7.00 20.49 -11.97
CA MET A 440 6.17 20.88 -10.84
C MET A 440 6.22 22.40 -10.60
N GLU A 441 5.08 22.98 -10.21
CA GLU A 441 5.06 24.34 -9.68
C GLU A 441 5.71 24.41 -8.29
N PRO A 442 6.63 25.35 -8.09
CA PRO A 442 7.43 25.37 -6.85
C PRO A 442 6.59 25.26 -5.56
N GLU A 443 5.45 25.95 -5.51
CA GLU A 443 4.62 25.91 -4.30
C GLU A 443 4.04 24.50 -4.03
N HIS A 444 3.78 23.74 -5.09
CA HIS A 444 3.26 22.37 -4.97
C HIS A 444 4.37 21.42 -4.52
N ALA A 445 5.55 21.57 -5.11
CA ALA A 445 6.71 20.79 -4.69
C ALA A 445 7.10 21.05 -3.25
N LEU A 446 7.17 22.32 -2.85
CA LEU A 446 7.50 22.65 -1.46
C LEU A 446 6.41 22.25 -0.48
N GLY A 447 5.16 22.34 -0.90
CA GLY A 447 4.04 21.86 -0.09
C GLY A 447 4.05 20.35 0.12
N ALA A 448 4.49 19.64 -0.91
CA ALA A 448 4.63 18.18 -0.79
C ALA A 448 5.81 17.85 0.13
N LEU A 449 6.85 18.67 0.08
CA LEU A 449 8.00 18.45 0.96
C LEU A 449 7.59 18.65 2.42
N ASP A 450 6.79 19.68 2.65
CA ASP A 450 6.31 19.96 4.00
C ASP A 450 5.48 18.78 4.51
N GLN A 451 4.66 18.19 3.63
CA GLN A 451 3.87 16.99 4.00
C GLN A 451 4.80 15.85 4.45
N MET A 452 5.84 15.62 3.66
CA MET A 452 6.86 14.64 4.00
C MET A 452 7.51 14.88 5.34
N LEU A 453 7.89 16.13 5.61
CA LEU A 453 8.56 16.46 6.86
C LEU A 453 7.59 16.40 8.07
N GLU A 454 6.33 16.79 7.85
CA GLU A 454 5.28 16.63 8.87
C GLU A 454 4.96 15.16 9.19
N ASN A 455 5.06 14.27 8.20
CA ASN A 455 4.94 12.83 8.46
C ASN A 455 6.22 12.27 9.10
N ASP A 456 7.31 13.03 8.98
CA ASP A 456 8.66 12.55 9.31
C ASP A 456 9.01 11.26 8.54
N ASP A 457 8.69 11.23 7.25
CA ASP A 457 9.11 10.13 6.37
C ASP A 457 10.62 10.19 6.10
N THR A 458 11.23 9.03 5.96
CA THR A 458 12.66 8.91 5.77
C THR A 458 13.06 9.20 4.32
N ALA A 459 12.30 8.65 3.38
CA ALA A 459 12.62 8.85 1.97
C ALA A 459 11.37 8.89 1.13
N ALA A 460 11.35 9.78 0.15
CA ALA A 460 10.22 9.90 -0.74
C ALA A 460 10.70 10.46 -2.07
N ALA A 461 9.98 10.13 -3.11
CA ALA A 461 10.12 10.83 -4.38
C ALA A 461 8.96 11.80 -4.51
N ILE A 462 9.28 13.03 -4.88
CA ILE A 462 8.24 14.04 -5.07
C ILE A 462 8.25 14.52 -6.50
N THR A 463 7.29 14.02 -7.28
CA THR A 463 7.33 14.15 -8.72
C THR A 463 5.91 14.19 -9.32
N LEU A 464 5.74 14.97 -10.37
CA LEU A 464 4.51 14.95 -11.18
C LEU A 464 4.72 14.09 -12.42
N MET A 465 4.05 12.93 -12.43
CA MET A 465 4.22 11.94 -13.51
C MET A 465 2.99 11.95 -14.40
N ASP A 466 3.23 11.92 -15.72
CA ASP A 466 2.23 11.40 -16.64
C ASP A 466 2.52 9.92 -16.92
N TRP A 467 1.85 9.04 -16.19
CA TRP A 467 2.13 7.62 -16.24
C TRP A 467 1.84 7.01 -17.59
N GLU A 468 0.91 7.63 -18.33
CA GLU A 468 0.57 7.15 -19.65
C GLU A 468 1.72 7.38 -20.62
N MET A 469 2.56 8.37 -20.33
CA MET A 469 3.79 8.60 -21.12
C MET A 469 4.97 7.83 -20.51
N PHE A 470 5.08 7.87 -19.19
CA PHE A 470 6.29 7.41 -18.52
C PHE A 470 6.41 5.88 -18.55
N ALA A 471 5.33 5.16 -18.22
CA ALA A 471 5.41 3.69 -18.12
C ALA A 471 5.85 3.05 -19.45
N PRO A 472 5.29 3.52 -20.58
CA PRO A 472 5.70 2.88 -21.83
C PRO A 472 7.12 3.22 -22.22
N ALA A 473 7.53 4.45 -21.99
CA ALA A 473 8.90 4.87 -22.26
C ALA A 473 9.85 4.06 -21.38
N PHE A 474 9.51 3.90 -20.11
CA PHE A 474 10.41 3.29 -19.15
C PHE A 474 10.65 1.82 -19.48
N THR A 475 9.59 1.17 -19.96
CA THR A 475 9.58 -0.28 -20.10
C THR A 475 9.71 -0.74 -21.56
N ALA A 476 10.05 0.19 -22.46
CA ALA A 476 10.09 -0.11 -23.89
C ALA A 476 10.96 -1.33 -24.21
N ASN A 477 12.08 -1.49 -23.51
CA ASN A 477 13.07 -2.52 -23.87
C ASN A 477 13.16 -3.60 -22.83
N ARG A 478 12.42 -3.45 -21.75
CA ARG A 478 12.57 -4.33 -20.63
C ARG A 478 11.54 -4.03 -19.56
N PRO A 479 10.87 -5.07 -19.05
CA PRO A 479 9.84 -4.85 -18.03
C PRO A 479 10.42 -4.29 -16.75
N SER A 480 9.58 -3.68 -15.94
CA SER A 480 9.97 -3.15 -14.65
C SER A 480 8.97 -3.62 -13.59
N ALA A 481 9.43 -4.56 -12.76
CA ALA A 481 8.69 -4.98 -11.59
C ALA A 481 8.47 -3.81 -10.62
N LEU A 482 9.39 -2.85 -10.65
CA LEU A 482 9.34 -1.69 -9.77
C LEU A 482 7.99 -0.95 -9.88
N LEU A 483 7.46 -0.85 -11.10
CA LEU A 483 6.24 -0.09 -11.38
C LEU A 483 4.93 -0.89 -11.19
N SER A 484 5.04 -2.16 -10.84
CA SER A 484 3.89 -3.05 -10.79
C SER A 484 2.92 -2.66 -9.66
N THR A 485 3.39 -1.82 -8.73
CA THR A 485 2.60 -1.40 -7.57
C THR A 485 2.02 0.03 -7.75
N VAL A 486 2.23 0.60 -8.94
CA VAL A 486 1.60 1.86 -9.32
C VAL A 486 0.46 1.59 -10.31
N PRO A 487 -0.80 1.70 -9.85
CA PRO A 487 -1.93 1.23 -10.67
C PRO A 487 -2.04 1.94 -12.01
N GLU A 488 -1.67 3.20 -12.03
CA GLU A 488 -1.65 3.99 -13.26
C GLU A 488 -0.64 3.42 -14.27
N ALA A 489 0.47 2.91 -13.75
CA ALA A 489 1.49 2.31 -14.62
C ALA A 489 0.98 1.02 -15.20
N VAL A 490 0.37 0.20 -14.35
CA VAL A 490 -0.24 -1.03 -14.81
C VAL A 490 -1.32 -0.74 -15.87
N SER A 491 -2.16 0.26 -15.62
CA SER A 491 -3.20 0.65 -16.58
C SER A 491 -2.61 1.06 -17.94
N ALA A 492 -1.55 1.84 -17.90
CA ALA A 492 -0.94 2.38 -19.11
C ALA A 492 -0.35 1.27 -19.97
N LEU A 493 0.01 0.17 -19.33
CA LEU A 493 0.76 -0.90 -20.00
C LEU A 493 -0.15 -2.03 -20.47
N SER A 494 -1.40 -2.04 -19.99
CA SER A 494 -2.21 -3.26 -20.00
C SER A 494 -2.51 -3.71 -21.43
N GLY B 18 -2.79 -13.84 -16.32
CA GLY B 18 -2.53 -13.32 -14.96
C GLY B 18 -3.03 -11.89 -14.76
N SER B 19 -2.67 -11.00 -15.68
CA SER B 19 -2.88 -9.57 -15.47
C SER B 19 -4.35 -9.20 -15.63
N HIS B 20 -5.09 -10.01 -16.40
CA HIS B 20 -6.53 -9.81 -16.55
C HIS B 20 -7.29 -10.19 -15.27
N MET B 21 -6.83 -11.25 -14.61
CA MET B 21 -7.34 -11.64 -13.31
C MET B 21 -6.88 -10.68 -12.20
N ASP B 22 -5.62 -10.24 -12.25
CA ASP B 22 -5.15 -9.18 -11.34
C ASP B 22 -6.10 -7.97 -11.38
N ALA B 23 -6.55 -7.61 -12.58
CA ALA B 23 -7.34 -6.40 -12.77
C ALA B 23 -8.70 -6.47 -12.04
N LEU B 24 -9.13 -7.68 -11.71
CA LEU B 24 -10.42 -7.89 -11.06
C LEU B 24 -10.35 -7.68 -9.54
N ARG B 25 -9.16 -7.76 -8.99
CA ARG B 25 -9.00 -7.85 -7.53
C ARG B 25 -8.78 -6.47 -6.88
N TYR B 26 -9.59 -6.19 -5.85
CA TYR B 26 -9.46 -4.95 -5.07
C TYR B 26 -9.51 -5.31 -3.60
N HIS B 27 -8.91 -4.46 -2.76
CA HIS B 27 -8.89 -4.65 -1.31
C HIS B 27 -9.43 -3.40 -0.60
N ILE B 28 -9.99 -3.60 0.59
CA ILE B 28 -10.26 -2.49 1.52
C ILE B 28 -9.05 -2.23 2.40
N GLU B 29 -8.60 -0.98 2.41
CA GLU B 29 -7.51 -0.59 3.29
C GLU B 29 -7.96 0.61 4.12
N TRP B 30 -7.15 0.98 5.10
CA TRP B 30 -7.47 2.09 5.96
C TRP B 30 -6.29 3.06 6.01
N ASN B 31 -6.55 4.32 5.70
CA ASN B 31 -5.51 5.35 5.72
C ASN B 31 -5.78 6.30 6.88
N ARG B 32 -4.71 6.75 7.55
CA ARG B 32 -4.85 7.83 8.53
C ARG B 32 -5.30 9.13 7.87
N VAL B 33 -6.25 9.81 8.51
CA VAL B 33 -6.76 11.09 8.02
C VAL B 33 -6.48 12.20 9.04
N ALA B 34 -6.83 13.42 8.67
CA ALA B 34 -6.56 14.61 9.50
C ALA B 34 -7.16 14.42 10.89
N GLU B 35 -6.46 14.90 11.91
CA GLU B 35 -7.06 15.04 13.23
C GLU B 35 -8.14 16.11 13.18
N PRO B 36 -9.29 15.83 13.80
CA PRO B 36 -10.36 16.81 13.79
C PRO B 36 -10.09 17.96 14.75
N GLY B 37 -10.96 18.95 14.76
CA GLY B 37 -10.87 20.04 15.70
C GLY B 37 -11.20 19.63 17.11
N THR B 38 -11.01 20.57 18.05
CA THR B 38 -11.05 20.27 19.48
C THR B 38 -12.33 20.79 20.12
N ALA B 39 -13.21 21.39 19.33
CA ALA B 39 -14.48 21.90 19.84
C ALA B 39 -15.63 20.93 19.58
N ARG B 40 -16.46 20.74 20.60
CA ARG B 40 -17.77 20.09 20.45
C ARG B 40 -18.58 20.72 19.32
N PRO B 41 -19.54 19.96 18.77
CA PRO B 41 -20.54 20.59 17.90
C PRO B 41 -21.27 21.72 18.63
N ALA B 42 -21.58 22.79 17.91
CA ALA B 42 -22.29 23.92 18.49
C ALA B 42 -23.68 23.51 18.97
N GLY B 43 -24.44 22.88 18.07
CA GLY B 43 -25.82 22.49 18.38
C GLY B 43 -25.85 21.24 19.23
N ARG B 44 -27.06 20.82 19.63
CA ARG B 44 -27.21 19.72 20.54
C ARG B 44 -27.20 18.40 19.77
N LEU B 45 -26.65 17.37 20.39
CA LEU B 45 -26.74 16.04 19.86
C LEU B 45 -27.93 15.28 20.43
N LEU B 46 -28.42 14.33 19.64
CA LEU B 46 -29.36 13.33 20.10
C LEU B 46 -28.70 11.96 20.08
N ALA B 47 -28.54 11.38 21.27
CA ALA B 47 -27.99 10.05 21.40
C ALA B 47 -29.13 9.02 21.45
N VAL B 48 -28.99 7.94 20.70
CA VAL B 48 -30.00 6.86 20.71
C VAL B 48 -29.42 5.61 21.28
N ILE B 49 -30.04 5.13 22.37
CA ILE B 49 -29.55 4.03 23.14
C ILE B 49 -30.55 2.88 23.11
N SER B 50 -30.03 1.65 23.10
CA SER B 50 -30.86 0.45 23.26
C SER B 50 -30.91 0.06 24.74
N PRO B 51 -32.06 0.26 25.38
CA PRO B 51 -32.09 0.36 26.84
C PRO B 51 -31.61 -0.90 27.56
N ASP B 52 -31.77 -2.06 26.93
CA ASP B 52 -31.34 -3.33 27.56
C ASP B 52 -29.85 -3.63 27.29
N HIS B 53 -29.23 -2.81 26.46
CA HIS B 53 -27.88 -3.08 25.98
C HIS B 53 -27.07 -1.76 25.97
N ALA B 54 -27.07 -1.09 27.11
CA ALA B 54 -26.41 0.19 27.25
C ALA B 54 -25.36 0.13 28.35
N GLY B 55 -24.96 -1.08 28.70
CA GLY B 55 -24.02 -1.29 29.79
C GLY B 55 -22.59 -1.51 29.35
N ALA B 56 -22.38 -1.73 28.04
CA ALA B 56 -21.02 -1.96 27.53
C ALA B 56 -20.15 -0.74 27.84
N PRO B 57 -18.89 -0.99 28.25
CA PRO B 57 -17.99 0.11 28.57
C PRO B 57 -17.94 1.19 27.49
N TRP B 58 -17.85 0.79 26.23
CA TRP B 58 -17.73 1.80 25.17
C TRP B 58 -18.99 2.69 25.08
N VAL B 59 -20.15 2.14 25.45
CA VAL B 59 -21.40 2.90 25.37
C VAL B 59 -21.45 3.98 26.47
N THR B 60 -21.06 3.59 27.67
CA THR B 60 -20.78 4.51 28.76
C THR B 60 -19.77 5.60 28.41
N ALA B 61 -18.63 5.20 27.85
CA ALA B 61 -17.59 6.14 27.46
C ALA B 61 -18.09 7.14 26.44
N VAL B 62 -18.83 6.67 25.43
CA VAL B 62 -19.33 7.58 24.40
C VAL B 62 -20.38 8.54 24.94
N LEU B 63 -21.31 8.04 25.74
CA LEU B 63 -22.29 8.90 26.40
C LEU B 63 -21.61 9.99 27.23
N ASP B 64 -20.55 9.61 27.93
CA ASP B 64 -19.80 10.56 28.73
C ASP B 64 -19.12 11.61 27.85
N ALA B 65 -18.57 11.16 26.72
CA ALA B 65 -17.93 12.07 25.76
C ALA B 65 -18.90 13.09 25.16
N LEU B 66 -20.13 12.66 24.86
CA LEU B 66 -21.09 13.55 24.20
C LEU B 66 -21.58 14.62 25.16
N GLY B 67 -21.45 14.35 26.46
CA GLY B 67 -21.69 15.36 27.48
C GLY B 67 -23.16 15.44 27.88
N PRO B 68 -23.45 16.12 28.99
CA PRO B 68 -24.78 16.00 29.59
C PRO B 68 -25.85 16.87 28.92
N ASP B 69 -25.44 17.73 27.99
CA ASP B 69 -26.40 18.53 27.23
C ASP B 69 -27.05 17.71 26.14
N THR B 70 -26.45 16.58 25.84
CA THR B 70 -26.94 15.66 24.81
C THR B 70 -28.26 15.04 25.22
N VAL B 71 -29.24 15.07 24.31
CA VAL B 71 -30.54 14.49 24.58
C VAL B 71 -30.49 13.01 24.32
N ARG B 72 -30.98 12.23 25.30
CA ARG B 72 -31.01 10.79 25.17
C ARG B 72 -32.39 10.29 24.76
N PHE B 73 -32.40 9.41 23.77
CA PHE B 73 -33.60 8.71 23.36
C PHE B 73 -33.41 7.21 23.53
N GLU B 74 -34.26 6.60 24.32
CA GLU B 74 -34.19 5.15 24.53
C GLU B 74 -35.12 4.43 23.57
N ALA B 75 -34.52 3.64 22.67
CA ALA B 75 -35.26 3.01 21.61
C ALA B 75 -35.77 1.66 22.06
N LYS B 76 -37.02 1.61 22.49
CA LYS B 76 -37.57 0.41 23.10
C LYS B 76 -38.28 -0.45 22.06
N GLY B 77 -37.90 -1.72 22.00
CA GLY B 77 -38.59 -2.68 21.16
C GLY B 77 -38.20 -2.48 19.71
N THR B 78 -39.13 -2.79 18.81
CA THR B 78 -38.95 -2.50 17.40
C THR B 78 -40.28 -2.06 16.81
N ASP B 79 -40.69 -0.85 17.15
CA ASP B 79 -42.00 -0.34 16.76
C ASP B 79 -41.80 0.97 15.98
N ARG B 80 -41.79 0.87 14.67
CA ARG B 80 -41.50 2.01 13.81
C ARG B 80 -42.43 3.21 14.10
N ALA B 81 -43.73 2.95 14.11
CA ALA B 81 -44.72 4.02 14.32
C ALA B 81 -44.58 4.68 15.70
N ALA B 82 -44.26 3.88 16.71
CA ALA B 82 -44.10 4.41 18.06
C ALA B 82 -42.89 5.33 18.13
N TRP B 83 -41.79 4.88 17.55
CA TRP B 83 -40.58 5.68 17.51
C TRP B 83 -40.76 6.95 16.71
N ALA B 84 -41.44 6.85 15.58
CA ALA B 84 -41.66 8.02 14.75
C ALA B 84 -42.43 9.10 15.53
N ALA B 85 -43.44 8.66 16.28
CA ALA B 85 -44.22 9.56 17.12
C ALA B 85 -43.40 10.15 18.26
N GLN B 86 -42.53 9.32 18.84
CA GLN B 86 -41.69 9.75 19.96
C GLN B 86 -40.61 10.73 19.49
N LEU B 87 -40.05 10.48 18.31
CA LEU B 87 -39.04 11.36 17.75
C LEU B 87 -39.67 12.68 17.30
N ALA B 88 -40.89 12.60 16.79
CA ALA B 88 -41.63 13.80 16.37
C ALA B 88 -41.89 14.73 17.56
N GLN B 89 -42.21 14.13 18.71
CA GLN B 89 -42.40 14.89 19.93
C GLN B 89 -41.09 15.48 20.46
N LEU B 90 -40.02 14.69 20.38
CA LEU B 90 -38.71 15.14 20.81
C LEU B 90 -38.26 16.35 20.02
N ARG B 91 -38.40 16.28 18.70
CA ARG B 91 -38.07 17.40 17.83
C ARG B 91 -38.88 18.63 18.22
N GLU B 92 -40.19 18.45 18.36
CA GLU B 92 -41.07 19.55 18.77
C GLU B 92 -40.59 20.19 20.08
N ASP B 93 -40.34 19.36 21.08
CA ASP B 93 -39.95 19.84 22.41
C ASP B 93 -38.52 20.35 22.47
N GLU B 94 -37.58 19.64 21.84
CA GLU B 94 -36.15 19.90 22.04
C GLU B 94 -35.56 20.77 20.93
N GLY B 95 -36.27 20.91 19.83
CA GLY B 95 -35.81 21.70 18.69
C GLY B 95 -34.87 20.91 17.79
N GLU B 96 -34.00 21.62 17.06
CA GLU B 96 -33.20 21.00 16.02
C GLU B 96 -31.89 20.46 16.59
N PHE B 97 -31.40 19.37 16.00
CA PHE B 97 -30.18 18.74 16.49
C PHE B 97 -29.06 18.93 15.46
N HIS B 98 -27.83 18.92 15.93
CA HIS B 98 -26.66 18.94 15.03
C HIS B 98 -26.49 17.58 14.35
N ALA B 99 -26.70 16.52 15.11
CA ALA B 99 -26.59 15.14 14.59
C ALA B 99 -27.33 14.20 15.49
N VAL B 100 -27.55 12.99 14.97
CA VAL B 100 -28.09 11.90 15.76
C VAL B 100 -27.01 10.83 15.91
N VAL B 101 -26.67 10.47 17.13
CA VAL B 101 -25.58 9.50 17.36
C VAL B 101 -26.15 8.22 17.92
N SER B 102 -26.16 7.17 17.10
CA SER B 102 -26.77 5.90 17.49
C SER B 102 -25.75 4.96 18.14
N LEU B 103 -26.11 4.49 19.33
CA LEU B 103 -25.34 3.47 20.03
C LEU B 103 -26.07 2.10 19.98
N LEU B 104 -26.98 1.94 19.03
CA LEU B 104 -27.81 0.73 18.95
C LEU B 104 -27.01 -0.55 18.59
N ALA B 105 -25.85 -0.37 17.97
CA ALA B 105 -24.97 -1.50 17.63
C ALA B 105 -24.66 -2.41 18.82
N ALA B 106 -24.65 -1.84 20.02
CA ALA B 106 -24.24 -2.59 21.20
C ALA B 106 -25.20 -3.77 21.45
N ALA B 107 -26.38 -3.67 20.87
CA ALA B 107 -27.38 -4.71 21.03
C ALA B 107 -27.12 -5.87 20.05
N GLU B 108 -26.34 -6.83 20.49
CA GLU B 108 -25.86 -7.88 19.63
C GLU B 108 -26.75 -9.11 19.67
N ALA B 109 -27.53 -9.23 20.73
CA ALA B 109 -28.41 -10.39 20.89
C ALA B 109 -29.40 -10.42 19.74
N LEU B 110 -29.80 -11.64 19.37
CA LEU B 110 -30.71 -11.83 18.26
C LEU B 110 -32.14 -11.45 18.64
N HIS B 111 -32.83 -10.81 17.70
CA HIS B 111 -34.21 -10.41 17.89
C HIS B 111 -35.07 -11.65 18.20
N THR B 112 -35.91 -11.55 19.21
CA THR B 112 -36.69 -12.70 19.66
C THR B 112 -37.63 -13.24 18.56
N ASP B 113 -38.09 -12.37 17.65
CA ASP B 113 -39.04 -12.80 16.59
C ASP B 113 -38.35 -13.11 15.27
N HIS B 114 -37.12 -12.66 15.13
CA HIS B 114 -36.42 -12.73 13.85
C HIS B 114 -35.01 -13.22 14.12
N GLY B 115 -34.86 -14.54 14.12
CA GLY B 115 -33.72 -15.18 14.75
C GLY B 115 -32.41 -15.01 14.02
N SER B 116 -32.45 -14.49 12.79
CA SER B 116 -31.24 -14.18 12.04
C SER B 116 -30.88 -12.69 12.10
N VAL B 117 -31.66 -11.89 12.82
CA VAL B 117 -31.44 -10.44 12.86
C VAL B 117 -30.99 -9.99 14.25
N PRO B 118 -29.73 -9.54 14.36
CA PRO B 118 -29.30 -8.91 15.60
C PRO B 118 -30.19 -7.73 15.97
N LEU B 119 -30.55 -7.63 17.25
CA LEU B 119 -31.48 -6.60 17.68
C LEU B 119 -31.01 -5.21 17.26
N GLY B 120 -29.71 -4.95 17.40
CA GLY B 120 -29.19 -3.62 17.08
C GLY B 120 -29.29 -3.29 15.61
N LEU B 121 -29.25 -4.31 14.77
CA LEU B 121 -29.40 -4.11 13.33
C LEU B 121 -30.86 -3.76 13.01
N ALA B 122 -31.79 -4.52 13.58
CA ALA B 122 -33.22 -4.25 13.43
C ALA B 122 -33.52 -2.82 13.90
N GLN B 123 -33.07 -2.51 15.10
CA GLN B 123 -33.31 -1.17 15.70
C GLN B 123 -32.67 -0.06 14.87
N THR B 124 -31.51 -0.31 14.29
CA THR B 124 -30.87 0.74 13.46
C THR B 124 -31.68 1.00 12.19
N LEU B 125 -32.21 -0.06 11.58
CA LEU B 125 -33.11 0.09 10.41
C LEU B 125 -34.32 0.94 10.78
N LEU B 126 -34.98 0.57 11.86
CA LEU B 126 -36.18 1.23 12.26
C LEU B 126 -35.89 2.69 12.68
N LEU B 127 -34.70 2.94 13.23
CA LEU B 127 -34.33 4.29 13.59
C LEU B 127 -34.19 5.15 12.33
N ALA B 128 -33.52 4.60 11.32
CA ALA B 128 -33.35 5.32 10.06
C ALA B 128 -34.69 5.59 9.38
N GLN B 129 -35.61 4.64 9.51
CA GLN B 129 -36.97 4.81 8.97
C GLN B 129 -37.74 5.88 9.73
N ALA B 130 -37.70 5.80 11.05
CA ALA B 130 -38.52 6.65 11.89
C ALA B 130 -38.03 8.09 11.90
N LEU B 131 -36.72 8.29 11.78
CA LEU B 131 -36.18 9.63 11.64
C LEU B 131 -36.73 10.30 10.39
N GLY B 132 -36.71 9.57 9.27
CA GLY B 132 -37.34 10.05 8.04
C GLY B 132 -38.82 10.31 8.23
N ASP B 133 -39.52 9.37 8.87
CA ASP B 133 -40.97 9.52 9.10
C ASP B 133 -41.22 10.86 9.82
N ALA B 134 -40.39 11.15 10.83
CA ALA B 134 -40.65 12.27 11.74
C ALA B 134 -40.17 13.63 11.19
N GLY B 135 -39.33 13.59 10.18
CA GLY B 135 -38.75 14.81 9.63
C GLY B 135 -37.59 15.33 10.45
N LEU B 136 -36.95 14.44 11.20
CA LEU B 136 -35.79 14.83 12.00
C LEU B 136 -34.54 14.54 11.17
N THR B 137 -33.95 15.58 10.61
CA THR B 137 -33.10 15.46 9.43
C THR B 137 -31.62 15.45 9.78
N ALA B 138 -31.31 15.70 11.05
CA ALA B 138 -29.93 15.82 11.50
C ALA B 138 -29.17 14.57 11.07
N PRO B 139 -27.92 14.74 10.66
CA PRO B 139 -27.22 13.59 10.10
C PRO B 139 -27.11 12.47 11.12
N LEU B 140 -27.31 11.23 10.66
CA LEU B 140 -27.28 10.07 11.52
C LEU B 140 -25.89 9.45 11.46
N TRP B 141 -25.29 9.27 12.62
CA TRP B 141 -24.03 8.57 12.74
C TRP B 141 -24.26 7.29 13.50
N CYS B 142 -23.73 6.18 12.96
CA CYS B 142 -23.86 4.91 13.61
C CYS B 142 -22.51 4.46 14.15
N LEU B 143 -22.42 4.29 15.46
CA LEU B 143 -21.19 3.90 16.12
C LEU B 143 -21.11 2.39 16.35
N THR B 144 -19.91 1.83 16.20
CA THR B 144 -19.67 0.43 16.50
C THR B 144 -18.38 0.30 17.28
N ARG B 145 -18.15 -0.87 17.87
CA ARG B 145 -16.91 -1.15 18.62
C ARG B 145 -16.42 -2.52 18.22
N GLY B 146 -15.38 -2.55 17.39
CA GLY B 146 -14.85 -3.81 16.88
C GLY B 146 -15.63 -4.37 15.72
N GLY B 147 -16.30 -3.50 14.96
CA GLY B 147 -17.04 -3.93 13.79
C GLY B 147 -16.24 -3.88 12.49
N VAL B 148 -15.05 -3.30 12.56
CA VAL B 148 -14.12 -3.31 11.41
C VAL B 148 -12.71 -3.64 11.89
N ALA B 149 -11.87 -4.08 10.98
CA ALA B 149 -10.45 -4.26 11.26
C ALA B 149 -9.67 -3.18 10.52
N ALA B 150 -9.30 -2.13 11.26
CA ALA B 150 -8.72 -0.92 10.70
C ALA B 150 -7.29 -0.74 11.16
N GLY B 151 -6.34 -0.89 10.25
CA GLY B 151 -4.93 -0.86 10.61
C GLY B 151 -4.33 -2.25 10.78
N ARG B 152 -3.01 -2.34 10.60
CA ARG B 152 -2.27 -3.55 10.86
C ARG B 152 -2.48 -4.00 12.29
N GLY B 153 -2.86 -5.26 12.44
CA GLY B 153 -2.90 -5.89 13.75
C GLY B 153 -4.22 -5.63 14.46
N ASP B 154 -5.14 -4.92 13.81
CA ASP B 154 -6.41 -4.60 14.46
C ASP B 154 -7.30 -5.83 14.54
N VAL B 155 -8.00 -5.99 15.66
CA VAL B 155 -8.87 -7.17 15.88
C VAL B 155 -10.34 -6.78 15.69
N LEU B 156 -10.96 -7.34 14.67
CA LEU B 156 -12.40 -7.27 14.51
C LEU B 156 -13.09 -8.23 15.48
N SER B 157 -13.54 -7.70 16.61
CA SER B 157 -14.04 -8.51 17.70
C SER B 157 -15.55 -8.78 17.63
N SER B 158 -16.28 -8.00 16.84
CA SER B 158 -17.72 -8.17 16.69
C SER B 158 -18.17 -8.14 15.22
N PRO B 159 -18.26 -9.33 14.61
CA PRO B 159 -18.75 -9.40 13.25
C PRO B 159 -20.24 -9.07 13.14
N VAL B 160 -20.98 -9.28 14.22
CA VAL B 160 -22.35 -8.83 14.27
C VAL B 160 -22.45 -7.30 14.08
N GLN B 161 -21.59 -6.55 14.76
CA GLN B 161 -21.62 -5.11 14.59
C GLN B 161 -21.12 -4.74 13.21
N GLY B 162 -20.26 -5.58 12.66
CA GLY B 162 -19.79 -5.39 11.27
C GLY B 162 -20.91 -5.32 10.26
N ALA B 163 -21.94 -6.12 10.47
CA ALA B 163 -23.08 -6.19 9.55
C ALA B 163 -23.74 -4.85 9.38
N LEU B 164 -23.72 -4.06 10.44
CA LEU B 164 -24.31 -2.75 10.41
C LEU B 164 -23.66 -1.78 9.43
N TRP B 165 -22.36 -1.94 9.20
CA TRP B 165 -21.66 -1.19 8.17
C TRP B 165 -22.23 -1.41 6.76
N GLY B 166 -22.66 -2.64 6.47
CA GLY B 166 -23.28 -2.90 5.18
C GLY B 166 -24.57 -2.10 5.04
N LEU B 167 -25.40 -2.16 6.07
CA LEU B 167 -26.63 -1.36 6.08
C LEU B 167 -26.32 0.13 5.97
N GLY B 168 -25.36 0.60 6.75
CA GLY B 168 -25.08 2.03 6.80
C GLY B 168 -24.65 2.63 5.47
N ARG B 169 -23.77 1.94 4.77
CA ARG B 169 -23.37 2.38 3.43
C ARG B 169 -24.60 2.53 2.50
N VAL B 170 -25.61 1.65 2.65
CA VAL B 170 -26.79 1.73 1.79
C VAL B 170 -27.73 2.86 2.21
N ILE B 171 -27.78 3.14 3.52
CA ILE B 171 -28.45 4.36 3.99
C ILE B 171 -27.78 5.63 3.44
N GLY B 172 -26.45 5.60 3.33
CA GLY B 172 -25.71 6.69 2.69
C GLY B 172 -26.12 6.92 1.23
N LEU B 173 -26.39 5.82 0.52
CA LEU B 173 -26.76 5.90 -0.91
C LEU B 173 -28.24 6.30 -1.12
N GLU B 174 -29.13 5.89 -0.20
CA GLU B 174 -30.58 6.12 -0.38
C GLU B 174 -31.05 7.41 0.31
N HIS B 175 -30.39 7.77 1.39
CA HIS B 175 -30.72 8.98 2.15
C HIS B 175 -29.48 9.85 2.38
N PRO B 176 -28.78 10.22 1.29
CA PRO B 176 -27.48 10.86 1.41
C PRO B 176 -27.51 12.19 2.20
N ASP B 177 -28.64 12.88 2.19
CA ASP B 177 -28.68 14.21 2.82
C ASP B 177 -28.84 14.15 4.34
N ARG B 178 -29.30 13.01 4.85
CA ARG B 178 -29.48 12.86 6.29
C ARG B 178 -28.67 11.72 6.87
N TRP B 179 -27.65 11.29 6.13
CA TRP B 179 -26.71 10.29 6.64
C TRP B 179 -25.38 10.93 7.02
N GLY B 180 -24.96 10.70 8.24
CA GLY B 180 -23.65 11.12 8.69
C GLY B 180 -22.57 10.15 8.27
N GLY B 181 -22.54 9.01 8.93
CA GLY B 181 -21.61 7.96 8.60
C GLY B 181 -21.48 6.92 9.68
N LEU B 182 -20.41 6.14 9.58
CA LEU B 182 -20.07 5.10 10.53
C LEU B 182 -18.75 5.42 11.20
N ILE B 183 -18.69 5.19 12.51
CA ILE B 183 -17.43 5.34 13.25
C ILE B 183 -17.25 4.18 14.17
N ASP B 184 -16.10 3.55 14.06
CA ASP B 184 -15.74 2.46 14.97
C ASP B 184 -14.83 2.99 16.08
N LEU B 185 -15.23 2.75 17.31
CA LEU B 185 -14.49 3.12 18.50
C LEU B 185 -13.45 2.06 18.89
N PRO B 186 -12.37 2.51 19.52
CA PRO B 186 -11.39 1.55 20.05
C PRO B 186 -11.88 0.84 21.29
N GLU B 187 -11.11 -0.15 21.76
CA GLU B 187 -11.48 -0.93 22.93
C GLU B 187 -11.51 -0.04 24.17
N THR B 188 -10.61 0.92 24.23
CA THR B 188 -10.61 1.86 25.33
C THR B 188 -10.82 3.25 24.83
N VAL B 189 -11.98 3.81 25.15
CA VAL B 189 -12.33 5.16 24.74
C VAL B 189 -11.82 6.16 25.78
N ASP B 190 -10.54 6.48 25.68
CA ASP B 190 -9.89 7.44 26.57
C ASP B 190 -10.09 8.86 26.04
N THR B 191 -9.49 9.85 26.70
CA THR B 191 -9.80 11.24 26.40
C THR B 191 -9.36 11.60 24.96
N ARG B 192 -8.36 10.90 24.44
CA ARG B 192 -7.89 11.17 23.08
C ARG B 192 -8.88 10.63 22.04
N ALA B 193 -9.44 9.44 22.31
CA ALA B 193 -10.50 8.88 21.49
C ALA B 193 -11.78 9.69 21.58
N ALA B 194 -12.13 10.10 22.79
CA ALA B 194 -13.31 10.94 23.01
C ALA B 194 -13.25 12.22 22.17
N ALA B 195 -12.13 12.93 22.26
CA ALA B 195 -11.93 14.18 21.51
C ALA B 195 -11.98 13.96 19.99
N ARG B 196 -11.44 12.84 19.52
CA ARG B 196 -11.54 12.49 18.09
C ARG B 196 -12.99 12.23 17.68
N LEU B 197 -13.75 11.58 18.56
CA LEU B 197 -15.16 11.37 18.27
C LEU B 197 -15.91 12.71 18.19
N THR B 198 -15.83 13.50 19.23
CA THR B 198 -16.64 14.72 19.28
C THR B 198 -16.18 15.72 18.20
N GLY B 199 -14.89 15.66 17.85
CA GLY B 199 -14.37 16.42 16.72
C GLY B 199 -14.94 16.03 15.36
N LEU B 200 -14.96 14.72 15.09
CA LEU B 200 -15.59 14.21 13.87
C LEU B 200 -17.06 14.60 13.77
N LEU B 201 -17.78 14.50 14.87
CA LEU B 201 -19.20 14.89 14.87
C LEU B 201 -19.39 16.38 14.58
N ALA B 202 -18.45 17.21 15.03
CA ALA B 202 -18.43 18.62 14.65
C ALA B 202 -18.22 18.80 13.14
N ASP B 203 -17.16 18.19 12.62
CA ASP B 203 -16.89 18.19 11.18
C ASP B 203 -15.92 17.06 10.84
N ALA B 204 -16.29 16.23 9.88
CA ALA B 204 -15.56 15.02 9.58
C ALA B 204 -14.81 15.13 8.26
N GLY B 205 -14.78 16.34 7.69
CA GLY B 205 -13.92 16.60 6.53
C GLY B 205 -14.31 15.79 5.31
N GLY B 206 -15.60 15.43 5.22
CA GLY B 206 -16.12 14.69 4.08
C GLY B 206 -15.89 13.20 4.18
N GLU B 207 -15.34 12.74 5.31
CA GLU B 207 -15.22 11.31 5.58
C GLU B 207 -16.48 10.79 6.25
N ASP B 208 -16.76 9.50 6.07
CA ASP B 208 -18.01 8.93 6.56
C ASP B 208 -17.92 7.41 6.80
N GLN B 209 -16.70 6.89 6.77
CA GLN B 209 -16.43 5.53 7.21
C GLN B 209 -15.12 5.48 7.95
N LEU B 210 -15.20 5.60 9.27
CA LEU B 210 -14.06 6.00 10.08
C LEU B 210 -13.80 4.99 11.19
N ALA B 211 -12.54 4.88 11.59
CA ALA B 211 -12.17 4.09 12.75
C ALA B 211 -11.24 4.91 13.65
N ILE B 212 -11.63 5.04 14.91
CA ILE B 212 -10.81 5.74 15.89
C ILE B 212 -9.92 4.75 16.61
N ARG B 213 -8.60 4.94 16.50
CA ARG B 213 -7.65 4.02 17.13
C ARG B 213 -6.59 4.79 17.94
N GLY B 214 -5.80 4.06 18.72
CA GLY B 214 -4.78 4.69 19.56
C GLY B 214 -3.83 5.56 18.74
N SER B 215 -3.63 5.15 17.50
CA SER B 215 -2.64 5.77 16.62
C SER B 215 -3.22 6.92 15.79
N GLY B 216 -4.54 7.07 15.80
CA GLY B 216 -5.17 8.18 15.09
C GLY B 216 -6.51 7.83 14.51
N VAL B 217 -6.99 8.66 13.60
CA VAL B 217 -8.27 8.44 12.96
C VAL B 217 -8.02 7.87 11.60
N LEU B 218 -8.59 6.70 11.32
CA LEU B 218 -8.40 6.04 10.06
C LEU B 218 -9.69 6.08 9.27
N ALA B 219 -9.55 6.12 7.94
CA ALA B 219 -10.72 6.06 7.08
C ALA B 219 -10.59 5.01 5.99
N ARG B 220 -11.75 4.52 5.55
CA ARG B 220 -11.85 3.32 4.75
C ARG B 220 -11.61 3.67 3.29
N ARG B 221 -10.81 2.84 2.63
CA ARG B 221 -10.48 3.07 1.25
C ARG B 221 -10.61 1.76 0.42
N LEU B 222 -11.00 1.92 -0.84
CA LEU B 222 -10.91 0.86 -1.81
C LEU B 222 -9.68 1.04 -2.73
N ALA B 223 -8.91 -0.04 -2.90
CA ALA B 223 -7.68 0.05 -3.71
C ALA B 223 -7.51 -1.21 -4.56
N HIS B 224 -6.92 -1.05 -5.74
CA HIS B 224 -6.42 -2.20 -6.49
C HIS B 224 -5.55 -3.05 -5.58
N ALA B 225 -5.71 -4.37 -5.68
CA ALA B 225 -4.79 -5.29 -5.04
C ALA B 225 -3.46 -5.29 -5.81
N ALA B 226 -2.39 -5.65 -5.12
CA ALA B 226 -1.10 -5.82 -5.77
C ALA B 226 -1.20 -6.98 -6.75
N PRO B 227 -0.58 -6.85 -7.94
CA PRO B 227 -0.54 -7.97 -8.87
C PRO B 227 0.04 -9.22 -8.23
N ALA B 228 -0.61 -10.36 -8.48
CA ALA B 228 -0.12 -11.64 -8.00
C ALA B 228 1.34 -11.82 -8.41
N VAL B 229 2.13 -12.35 -7.50
CA VAL B 229 3.53 -12.68 -7.80
C VAL B 229 3.63 -14.14 -8.25
N PRO B 230 4.05 -14.36 -9.51
CA PRO B 230 4.05 -15.71 -10.03
C PRO B 230 4.97 -16.63 -9.23
N GLY B 231 4.52 -17.87 -9.04
CA GLY B 231 5.36 -18.91 -8.47
C GLY B 231 5.31 -18.98 -6.97
N SER B 232 4.38 -18.22 -6.36
CA SER B 232 4.54 -17.77 -4.96
C SER B 232 3.37 -18.21 -4.08
N GLY B 233 2.55 -19.11 -4.59
CA GLY B 233 1.38 -19.58 -3.87
C GLY B 233 1.75 -20.23 -2.55
N LYS B 234 0.85 -20.17 -1.57
CA LYS B 234 0.98 -21.00 -0.37
C LYS B 234 -0.32 -21.75 -0.04
N ARG B 235 -1.20 -21.89 -1.02
CA ARG B 235 -2.42 -22.67 -0.82
C ARG B 235 -2.08 -24.15 -0.78
N PRO B 236 -2.53 -24.86 0.27
CA PRO B 236 -2.36 -26.30 0.29
C PRO B 236 -3.12 -26.98 -0.84
N PRO B 237 -2.64 -28.14 -1.29
CA PRO B 237 -3.42 -28.99 -2.18
C PRO B 237 -4.85 -29.13 -1.72
N VAL B 238 -5.78 -29.06 -2.67
CA VAL B 238 -7.16 -29.43 -2.43
C VAL B 238 -7.27 -30.96 -2.37
N HIS B 239 -7.90 -31.43 -1.31
CA HIS B 239 -8.03 -32.87 -1.07
C HIS B 239 -9.17 -33.14 -0.14
N GLY B 240 -9.49 -34.42 0.05
CA GLY B 240 -10.53 -34.84 1.03
C GLY B 240 -11.93 -34.37 0.62
N SER B 241 -12.77 -34.06 1.61
CA SER B 241 -14.11 -33.56 1.37
C SER B 241 -14.14 -32.02 1.43
N VAL B 242 -14.88 -31.44 0.49
CA VAL B 242 -15.07 -30.00 0.45
C VAL B 242 -16.56 -29.71 0.36
N LEU B 243 -17.03 -28.91 1.33
CA LEU B 243 -18.42 -28.54 1.43
C LEU B 243 -18.66 -27.25 0.68
N VAL B 244 -19.55 -27.30 -0.31
CA VAL B 244 -20.01 -26.10 -0.99
C VAL B 244 -21.50 -25.91 -0.70
N THR B 245 -21.83 -24.97 0.19
CA THR B 245 -23.24 -24.63 0.40
C THR B 245 -23.72 -23.83 -0.79
N GLY B 246 -25.00 -23.93 -1.10
CA GLY B 246 -25.51 -23.45 -2.38
C GLY B 246 -24.77 -24.06 -3.56
N GLY B 247 -24.35 -25.31 -3.39
CA GLY B 247 -23.43 -25.93 -4.34
C GLY B 247 -24.12 -26.39 -5.61
N THR B 248 -25.45 -26.46 -5.57
CA THR B 248 -26.23 -26.72 -6.77
C THR B 248 -26.56 -25.45 -7.56
N GLY B 249 -26.19 -24.29 -7.01
CA GLY B 249 -26.47 -23.01 -7.67
C GLY B 249 -25.43 -22.66 -8.70
N GLY B 250 -25.54 -21.46 -9.26
CA GLY B 250 -24.76 -21.09 -10.45
C GLY B 250 -23.27 -21.02 -10.19
N ILE B 251 -22.85 -20.13 -9.31
CA ILE B 251 -21.46 -20.02 -8.93
C ILE B 251 -20.99 -21.30 -8.25
N GLY B 252 -21.81 -21.83 -7.35
CA GLY B 252 -21.43 -22.99 -6.54
C GLY B 252 -21.11 -24.23 -7.38
N GLY B 253 -21.87 -24.43 -8.45
CA GLY B 253 -21.60 -25.58 -9.34
C GLY B 253 -20.26 -25.46 -10.06
N ARG B 254 -19.92 -24.26 -10.48
CA ARG B 254 -18.67 -24.01 -11.19
C ARG B 254 -17.49 -24.14 -10.22
N VAL B 255 -17.68 -23.61 -9.01
CA VAL B 255 -16.71 -23.79 -7.94
C VAL B 255 -16.46 -25.27 -7.66
N ALA B 256 -17.53 -26.05 -7.60
CA ALA B 256 -17.41 -27.48 -7.34
C ALA B 256 -16.57 -28.17 -8.40
N ARG B 257 -16.83 -27.85 -9.67
CA ARG B 257 -16.09 -28.43 -10.79
C ARG B 257 -14.62 -28.10 -10.65
N ARG B 258 -14.32 -26.84 -10.40
CA ARG B 258 -12.95 -26.40 -10.20
C ARG B 258 -12.24 -27.17 -9.08
N LEU B 259 -12.94 -27.38 -7.95
CA LEU B 259 -12.37 -28.10 -6.83
C LEU B 259 -12.13 -29.57 -7.18
N ALA B 260 -13.01 -30.12 -7.99
CA ALA B 260 -12.79 -31.48 -8.51
C ALA B 260 -11.50 -31.55 -9.35
N GLU B 261 -11.30 -30.57 -10.22
CA GLU B 261 -10.11 -30.52 -11.07
C GLU B 261 -8.83 -30.38 -10.24
N GLN B 262 -8.95 -29.77 -9.07
CA GLN B 262 -7.78 -29.42 -8.29
C GLN B 262 -7.44 -30.48 -7.24
N GLY B 263 -8.31 -31.48 -7.08
CA GLY B 263 -7.93 -32.70 -6.39
C GLY B 263 -8.86 -33.12 -5.26
N ALA B 264 -9.97 -32.40 -5.07
CA ALA B 264 -10.93 -32.81 -4.05
C ALA B 264 -11.34 -34.26 -4.29
N ALA B 265 -11.40 -35.05 -3.21
CA ALA B 265 -11.83 -36.45 -3.29
C ALA B 265 -13.36 -36.54 -3.30
N HIS B 266 -14.03 -35.56 -2.69
CA HIS B 266 -15.45 -35.66 -2.36
C HIS B 266 -16.03 -34.26 -2.30
N LEU B 267 -17.01 -34.01 -3.17
CA LEU B 267 -17.76 -32.74 -3.12
C LEU B 267 -19.11 -32.96 -2.45
N VAL B 268 -19.37 -32.15 -1.44
CA VAL B 268 -20.62 -32.18 -0.73
C VAL B 268 -21.36 -30.90 -1.03
N LEU B 269 -22.42 -31.02 -1.84
CA LEU B 269 -23.15 -29.88 -2.31
C LEU B 269 -24.47 -29.79 -1.57
N THR B 270 -24.77 -28.61 -1.00
CA THR B 270 -26.05 -28.42 -0.33
C THR B 270 -26.86 -27.27 -0.92
N SER B 271 -28.15 -27.36 -0.71
CA SER B 271 -29.09 -26.29 -0.99
C SER B 271 -30.41 -26.75 -0.40
N ARG B 272 -31.39 -25.88 -0.36
CA ARG B 272 -32.70 -26.28 0.21
C ARG B 272 -33.40 -27.35 -0.66
N ARG B 273 -33.25 -27.24 -1.98
CA ARG B 273 -33.87 -28.21 -2.90
C ARG B 273 -32.99 -29.46 -3.14
N GLY B 274 -31.70 -29.37 -2.82
CA GLY B 274 -30.79 -30.51 -2.95
C GLY B 274 -30.81 -31.15 -4.33
N ALA B 275 -31.14 -32.45 -4.39
CA ALA B 275 -31.08 -33.19 -5.65
C ALA B 275 -32.21 -32.78 -6.60
N ASP B 276 -33.21 -32.06 -6.08
CA ASP B 276 -34.30 -31.55 -6.92
C ASP B 276 -33.99 -30.16 -7.50
N ALA B 277 -32.80 -29.64 -7.22
CA ALA B 277 -32.41 -28.33 -7.71
C ALA B 277 -32.31 -28.39 -9.23
N PRO B 278 -32.61 -27.28 -9.90
CA PRO B 278 -32.43 -27.27 -11.35
C PRO B 278 -31.02 -27.68 -11.76
N GLY B 279 -30.94 -28.79 -12.50
CA GLY B 279 -29.72 -29.19 -13.18
C GLY B 279 -28.83 -30.06 -12.33
N ALA B 280 -29.33 -30.50 -11.17
CA ALA B 280 -28.49 -31.14 -10.17
C ALA B 280 -28.01 -32.51 -10.63
N ALA B 281 -28.87 -33.21 -11.37
CA ALA B 281 -28.51 -34.51 -11.94
C ALA B 281 -27.34 -34.36 -12.91
N GLU B 282 -27.38 -33.30 -13.71
CA GLU B 282 -26.33 -33.06 -14.70
C GLU B 282 -25.01 -32.64 -14.03
N LEU B 283 -25.12 -31.87 -12.95
CA LEU B 283 -23.94 -31.46 -12.21
C LEU B 283 -23.29 -32.65 -11.53
N ARG B 284 -24.10 -33.55 -10.96
CA ARG B 284 -23.59 -34.73 -10.29
C ARG B 284 -22.81 -35.61 -11.30
N ALA B 285 -23.38 -35.80 -12.47
CA ALA B 285 -22.73 -36.62 -13.51
C ALA B 285 -21.42 -35.97 -13.99
N GLU B 286 -21.46 -34.66 -14.20
CA GLU B 286 -20.24 -33.91 -14.57
C GLU B 286 -19.11 -34.14 -13.56
N LEU B 287 -19.43 -34.04 -12.27
CA LEU B 287 -18.43 -34.20 -11.23
C LEU B 287 -17.96 -35.65 -11.14
N GLU B 288 -18.88 -36.59 -11.33
CA GLU B 288 -18.54 -38.01 -11.28
C GLU B 288 -17.61 -38.41 -12.44
N GLN B 289 -17.78 -37.78 -13.59
CA GLN B 289 -16.84 -37.97 -14.71
C GLN B 289 -15.39 -37.65 -14.30
N LEU B 290 -15.25 -36.65 -13.42
CA LEU B 290 -13.93 -36.16 -13.01
C LEU B 290 -13.31 -37.04 -11.92
N GLY B 291 -14.08 -38.04 -11.46
CA GLY B 291 -13.54 -39.06 -10.57
C GLY B 291 -13.73 -38.78 -9.10
N VAL B 292 -14.69 -37.91 -8.78
CA VAL B 292 -14.94 -37.57 -7.40
C VAL B 292 -16.25 -38.18 -6.89
N ARG B 293 -16.26 -38.53 -5.63
CA ARG B 293 -17.48 -38.82 -4.91
C ARG B 293 -18.35 -37.56 -4.79
N VAL B 294 -19.65 -37.71 -5.01
CA VAL B 294 -20.57 -36.57 -4.94
C VAL B 294 -21.72 -36.82 -3.98
N THR B 295 -21.92 -35.88 -3.07
CA THR B 295 -23.08 -35.91 -2.17
C THR B 295 -23.88 -34.64 -2.40
N ILE B 296 -25.14 -34.78 -2.78
CA ILE B 296 -26.04 -33.63 -2.83
C ILE B 296 -27.13 -33.76 -1.77
N ALA B 297 -27.12 -32.86 -0.81
CA ALA B 297 -28.03 -32.92 0.32
C ALA B 297 -28.98 -31.76 0.30
N ALA B 298 -30.24 -32.03 0.61
CA ALA B 298 -31.26 -31.00 0.72
C ALA B 298 -31.31 -30.52 2.17
N CYS B 299 -30.92 -29.28 2.41
CA CYS B 299 -31.02 -28.76 3.74
C CYS B 299 -30.75 -27.29 3.78
N ASP B 300 -31.40 -26.64 4.73
CA ASP B 300 -31.22 -25.21 4.94
C ASP B 300 -29.89 -24.99 5.67
N ALA B 301 -29.06 -24.12 5.12
CA ALA B 301 -27.73 -23.90 5.67
C ALA B 301 -27.81 -23.23 7.05
N ALA B 302 -28.95 -22.65 7.39
CA ALA B 302 -29.16 -22.11 8.73
C ALA B 302 -29.60 -23.19 9.75
N ASP B 303 -29.71 -24.43 9.30
CA ASP B 303 -30.14 -25.53 10.15
C ASP B 303 -28.91 -26.21 10.79
N ARG B 304 -28.57 -25.79 12.00
CA ARG B 304 -27.38 -26.29 12.69
C ARG B 304 -27.34 -27.83 12.77
N GLU B 305 -28.44 -28.44 13.18
CA GLU B 305 -28.50 -29.90 13.35
C GLU B 305 -28.26 -30.66 12.05
N ALA B 306 -28.72 -30.13 10.93
CA ALA B 306 -28.55 -30.82 9.66
C ALA B 306 -27.09 -30.72 9.20
N LEU B 307 -26.49 -29.56 9.44
CA LEU B 307 -25.07 -29.39 9.16
C LEU B 307 -24.22 -30.35 10.00
N ALA B 308 -24.54 -30.44 11.29
CA ALA B 308 -23.84 -31.34 12.20
C ALA B 308 -23.94 -32.78 11.68
N ALA B 309 -25.11 -33.16 11.20
CA ALA B 309 -25.36 -34.55 10.77
C ALA B 309 -24.62 -34.83 9.47
N LEU B 310 -24.63 -33.84 8.59
CA LEU B 310 -23.84 -33.89 7.37
C LEU B 310 -22.35 -34.09 7.66
N LEU B 311 -21.80 -33.32 8.61
CA LEU B 311 -20.38 -33.44 8.94
C LEU B 311 -20.05 -34.77 9.60
N ALA B 312 -21.00 -35.33 10.34
CA ALA B 312 -20.76 -36.55 11.13
C ALA B 312 -20.59 -37.77 10.22
N GLU B 313 -21.11 -37.69 9.01
CA GLU B 313 -21.21 -38.84 8.15
C GLU B 313 -20.22 -38.80 7.00
N LEU B 314 -19.29 -37.84 7.05
CA LEU B 314 -18.24 -37.79 6.04
C LEU B 314 -17.36 -39.04 6.10
N PRO B 315 -16.87 -39.50 4.94
CA PRO B 315 -16.02 -40.70 4.94
C PRO B 315 -14.80 -40.51 5.81
N GLU B 316 -14.37 -41.57 6.49
CA GLU B 316 -13.16 -41.52 7.31
C GLU B 316 -11.91 -41.26 6.45
N ASP B 317 -11.99 -41.67 5.19
CA ASP B 317 -10.91 -41.47 4.21
C ASP B 317 -10.88 -40.06 3.60
N ALA B 318 -11.91 -39.26 3.87
CA ALA B 318 -12.06 -37.95 3.21
C ALA B 318 -12.60 -36.89 4.21
N PRO B 319 -11.78 -36.54 5.19
CA PRO B 319 -12.21 -35.53 6.16
C PRO B 319 -12.44 -34.19 5.48
N LEU B 320 -13.25 -33.36 6.12
CA LEU B 320 -13.49 -32.00 5.63
C LEU B 320 -12.21 -31.21 5.62
N THR B 321 -11.88 -30.64 4.48
CA THR B 321 -10.71 -29.77 4.37
C THR B 321 -11.05 -28.29 4.11
N ALA B 322 -12.21 -28.05 3.52
CA ALA B 322 -12.60 -26.71 3.14
C ALA B 322 -14.09 -26.52 3.10
N VAL B 323 -14.52 -25.29 3.38
CA VAL B 323 -15.88 -24.86 3.18
C VAL B 323 -15.90 -23.73 2.19
N PHE B 324 -16.78 -23.81 1.22
CA PHE B 324 -17.09 -22.68 0.34
C PHE B 324 -18.55 -22.34 0.49
N HIS B 325 -18.84 -21.16 1.03
CA HIS B 325 -20.19 -20.82 1.44
C HIS B 325 -20.86 -19.96 0.38
N SER B 326 -21.59 -20.61 -0.52
CA SER B 326 -22.22 -19.94 -1.67
C SER B 326 -23.73 -19.80 -1.49
N ALA B 327 -24.27 -20.38 -0.42
CA ALA B 327 -25.71 -20.27 -0.13
C ALA B 327 -26.07 -18.78 -0.02
N GLY B 328 -27.12 -18.36 -0.73
CA GLY B 328 -27.66 -17.03 -0.51
C GLY B 328 -28.80 -16.69 -1.45
N VAL B 329 -29.63 -15.75 -1.00
CA VAL B 329 -30.67 -15.16 -1.81
C VAL B 329 -30.50 -13.62 -1.81
N ALA B 330 -30.97 -12.98 -2.88
CA ALA B 330 -30.92 -11.51 -2.98
C ALA B 330 -32.30 -10.91 -3.23
N HIS B 331 -33.31 -11.76 -3.44
CA HIS B 331 -34.64 -11.27 -3.82
C HIS B 331 -35.46 -10.88 -2.60
N ASP B 332 -36.50 -10.05 -2.83
CA ASP B 332 -37.40 -9.57 -1.76
C ASP B 332 -36.63 -8.75 -0.72
N ASP B 333 -35.68 -7.98 -1.22
CA ASP B 333 -35.11 -6.86 -0.50
C ASP B 333 -35.98 -5.64 -0.80
N ALA B 334 -35.64 -4.51 -0.21
CA ALA B 334 -36.45 -3.31 -0.38
C ALA B 334 -35.62 -2.10 0.01
N PRO B 335 -36.00 -0.92 -0.49
CA PRO B 335 -35.39 0.29 0.04
C PRO B 335 -35.44 0.37 1.56
N VAL B 336 -34.43 1.03 2.12
CA VAL B 336 -34.36 1.29 3.55
C VAL B 336 -35.68 1.80 4.14
N ALA B 337 -36.37 2.69 3.41
CA ALA B 337 -37.61 3.32 3.91
C ALA B 337 -38.77 2.28 4.04
N ASP B 338 -38.62 1.14 3.37
CA ASP B 338 -39.73 0.19 3.21
C ASP B 338 -39.45 -1.18 3.85
N LEU B 339 -38.16 -1.53 3.96
CA LEU B 339 -37.77 -2.90 4.33
C LEU B 339 -38.38 -3.32 5.66
N THR B 340 -38.99 -4.52 5.71
CA THR B 340 -39.56 -5.04 6.96
C THR B 340 -38.53 -5.91 7.68
N LEU B 341 -38.73 -6.18 8.97
CA LEU B 341 -37.81 -7.06 9.68
C LEU B 341 -37.92 -8.50 9.19
N GLY B 342 -39.10 -8.86 8.69
CA GLY B 342 -39.32 -10.18 8.11
C GLY B 342 -38.53 -10.38 6.82
N GLN B 343 -38.51 -9.35 5.99
CA GLN B 343 -37.67 -9.37 4.79
C GLN B 343 -36.20 -9.44 5.17
N LEU B 344 -35.81 -8.64 6.16
CA LEU B 344 -34.43 -8.63 6.61
C LEU B 344 -34.01 -10.01 7.08
N ASP B 345 -34.86 -10.63 7.91
CA ASP B 345 -34.56 -11.96 8.44
C ASP B 345 -34.27 -12.92 7.32
N ALA B 346 -35.09 -12.87 6.28
CA ALA B 346 -35.00 -13.86 5.21
C ALA B 346 -33.71 -13.67 4.41
N LEU B 347 -33.23 -12.43 4.33
CA LEU B 347 -31.94 -12.14 3.66
C LEU B 347 -30.73 -12.47 4.53
N MET B 348 -30.89 -12.39 5.85
CA MET B 348 -29.78 -12.66 6.78
C MET B 348 -29.53 -14.15 6.97
N ARG B 349 -30.61 -14.96 6.83
CA ARG B 349 -30.61 -16.35 7.28
C ARG B 349 -29.43 -17.17 6.72
N ALA B 350 -29.27 -17.17 5.40
CA ALA B 350 -28.24 -17.99 4.77
C ALA B 350 -26.86 -17.39 4.94
N LYS B 351 -26.79 -16.15 5.42
CA LYS B 351 -25.50 -15.48 5.52
C LYS B 351 -24.98 -15.48 6.96
N LEU B 352 -25.66 -14.77 7.84
CA LEU B 352 -25.24 -14.66 9.25
C LEU B 352 -25.44 -16.00 9.99
N THR B 353 -26.66 -16.52 9.96
CA THR B 353 -26.96 -17.71 10.78
C THR B 353 -26.20 -18.94 10.25
N ALA B 354 -26.16 -19.09 8.92
CA ALA B 354 -25.48 -20.25 8.32
C ALA B 354 -23.99 -20.15 8.55
N ALA B 355 -23.42 -18.95 8.35
CA ALA B 355 -21.98 -18.80 8.47
C ALA B 355 -21.52 -18.93 9.91
N ARG B 356 -22.35 -18.47 10.87
CA ARG B 356 -22.05 -18.73 12.28
C ARG B 356 -22.01 -20.23 12.60
N HIS B 357 -22.99 -20.99 12.13
CA HIS B 357 -22.98 -22.43 12.35
C HIS B 357 -21.75 -23.08 11.72
N LEU B 358 -21.43 -22.69 10.48
CA LEU B 358 -20.25 -23.25 9.80
C LEU B 358 -19.00 -22.97 10.58
N HIS B 359 -18.89 -21.72 11.09
CA HIS B 359 -17.75 -21.32 11.88
C HIS B 359 -17.63 -22.15 13.15
N GLU B 360 -18.73 -22.29 13.87
CA GLU B 360 -18.71 -22.96 15.18
C GLU B 360 -18.50 -24.49 15.05
N LEU B 361 -19.07 -25.07 14.00
CA LEU B 361 -19.03 -26.54 13.85
C LEU B 361 -17.74 -27.03 13.24
N THR B 362 -17.00 -26.15 12.58
CA THR B 362 -15.75 -26.56 11.93
C THR B 362 -14.51 -25.96 12.61
N ALA B 363 -14.72 -25.12 13.62
CA ALA B 363 -13.60 -24.36 14.23
C ALA B 363 -12.48 -25.30 14.72
N ASP B 364 -12.85 -26.53 15.04
CA ASP B 364 -11.91 -27.48 15.66
C ASP B 364 -11.32 -28.45 14.62
N LEU B 365 -11.55 -28.19 13.33
CA LEU B 365 -11.24 -29.19 12.29
C LEU B 365 -9.98 -28.81 11.49
N ASP B 366 -9.38 -27.68 11.83
CA ASP B 366 -8.16 -27.22 11.17
C ASP B 366 -8.32 -27.24 9.65
N LEU B 367 -9.35 -26.56 9.17
CA LEU B 367 -9.56 -26.41 7.73
C LEU B 367 -8.39 -25.71 7.02
N ASP B 368 -8.21 -26.05 5.75
CA ASP B 368 -7.27 -25.35 4.88
C ASP B 368 -7.88 -24.05 4.33
N ALA B 369 -9.20 -24.06 4.15
CA ALA B 369 -9.90 -22.91 3.58
C ALA B 369 -11.30 -22.80 4.18
N PHE B 370 -11.71 -21.56 4.40
CA PHE B 370 -13.04 -21.25 4.85
C PHE B 370 -13.51 -20.01 4.10
N VAL B 371 -14.12 -20.25 2.93
CA VAL B 371 -14.33 -19.21 1.93
C VAL B 371 -15.80 -18.76 1.90
N LEU B 372 -16.00 -17.47 2.07
CA LEU B 372 -17.36 -16.91 2.17
C LEU B 372 -17.63 -16.02 0.98
N PHE B 373 -18.76 -16.22 0.30
CA PHE B 373 -19.06 -15.44 -0.87
C PHE B 373 -19.90 -14.20 -0.52
N SER B 374 -19.22 -13.06 -0.45
CA SER B 374 -19.85 -11.79 -0.20
C SER B 374 -20.16 -11.07 -1.53
N SER B 375 -20.38 -9.76 -1.47
CA SER B 375 -20.83 -9.00 -2.62
C SER B 375 -20.31 -7.55 -2.55
N GLY B 376 -20.09 -6.94 -3.71
CA GLY B 376 -19.88 -5.51 -3.80
C GLY B 376 -20.94 -4.72 -3.04
N ALA B 377 -22.15 -5.26 -2.96
CA ALA B 377 -23.24 -4.60 -2.25
C ALA B 377 -22.86 -4.36 -0.80
N ALA B 378 -22.03 -5.23 -0.25
CA ALA B 378 -21.51 -5.05 1.11
C ALA B 378 -20.27 -4.13 1.16
N VAL B 379 -19.45 -4.17 0.12
CA VAL B 379 -18.16 -3.51 0.16
C VAL B 379 -18.25 -2.02 -0.10
N TRP B 380 -18.99 -1.63 -1.16
CA TRP B 380 -19.22 -0.21 -1.47
C TRP B 380 -20.69 0.24 -1.25
N GLY B 381 -21.62 -0.70 -1.37
CA GLY B 381 -23.04 -0.39 -1.12
C GLY B 381 -23.85 -0.29 -2.41
N SER B 382 -25.12 -0.69 -2.32
CA SER B 382 -26.03 -0.72 -3.48
C SER B 382 -27.42 -0.29 -3.07
N GLY B 383 -27.85 0.85 -3.64
CA GLY B 383 -29.20 1.34 -3.44
C GLY B 383 -30.24 0.26 -3.70
N GLY B 384 -31.16 0.08 -2.75
CA GLY B 384 -32.23 -0.90 -2.91
C GLY B 384 -31.93 -2.26 -2.31
N GLN B 385 -30.74 -2.41 -1.74
CA GLN B 385 -30.25 -3.71 -1.29
C GLN B 385 -29.72 -3.66 0.15
N PRO B 386 -30.43 -2.93 1.04
CA PRO B 386 -29.89 -2.82 2.40
C PRO B 386 -29.74 -4.17 3.12
N GLY B 387 -30.73 -5.06 2.99
CA GLY B 387 -30.72 -6.30 3.71
C GLY B 387 -29.67 -7.28 3.18
N TYR B 388 -29.50 -7.29 1.86
CA TYR B 388 -28.44 -8.07 1.22
C TYR B 388 -27.05 -7.50 1.59
N ALA B 389 -26.95 -6.18 1.68
CA ALA B 389 -25.68 -5.56 2.04
C ALA B 389 -25.29 -5.89 3.46
N ALA B 390 -26.25 -5.79 4.38
CA ALA B 390 -25.99 -6.13 5.77
C ALA B 390 -25.57 -7.59 5.90
N ALA B 391 -26.31 -8.48 5.23
CA ALA B 391 -26.05 -9.90 5.33
C ALA B 391 -24.62 -10.21 4.88
N ASN B 392 -24.23 -9.63 3.75
CA ASN B 392 -22.91 -9.95 3.17
C ASN B 392 -21.78 -9.28 3.95
N ALA B 393 -22.07 -8.12 4.56
CA ALA B 393 -21.06 -7.43 5.35
C ALA B 393 -20.70 -8.22 6.61
N TYR B 394 -21.66 -9.02 7.11
CA TYR B 394 -21.37 -9.97 8.18
C TYR B 394 -20.27 -10.96 7.76
N LEU B 395 -20.35 -11.45 6.53
CA LEU B 395 -19.39 -12.44 6.06
C LEU B 395 -17.98 -11.84 6.00
N ASP B 396 -17.87 -10.63 5.44
CA ASP B 396 -16.56 -9.96 5.37
C ASP B 396 -15.99 -9.74 6.77
N ALA B 397 -16.86 -9.46 7.73
CA ALA B 397 -16.43 -9.24 9.08
C ALA B 397 -16.04 -10.53 9.79
N LEU B 398 -16.83 -11.58 9.60
CA LEU B 398 -16.51 -12.89 10.19
C LEU B 398 -15.15 -13.38 9.75
N ALA B 399 -14.77 -13.12 8.49
CA ALA B 399 -13.47 -13.56 7.97
C ALA B 399 -12.30 -12.92 8.73
N GLU B 400 -12.35 -11.60 8.89
CA GLU B 400 -11.37 -10.88 9.72
C GLU B 400 -11.37 -11.43 11.13
N HIS B 401 -12.57 -11.62 11.69
CA HIS B 401 -12.69 -12.08 13.06
C HIS B 401 -12.02 -13.42 13.24
N ARG B 402 -12.29 -14.36 12.33
CA ARG B 402 -11.66 -15.67 12.37
C ARG B 402 -10.14 -15.59 12.34
N ARG B 403 -9.59 -14.75 11.48
CA ARG B 403 -8.13 -14.56 11.39
C ARG B 403 -7.53 -14.15 12.73
N SER B 404 -8.23 -13.29 13.47
CA SER B 404 -7.78 -12.87 14.80
C SER B 404 -7.79 -14.03 15.81
N LEU B 405 -8.54 -15.09 15.51
CA LEU B 405 -8.58 -16.27 16.36
C LEU B 405 -7.56 -17.34 15.96
N GLY B 406 -6.81 -17.08 14.90
CA GLY B 406 -5.85 -18.05 14.37
C GLY B 406 -6.49 -19.07 13.42
N LEU B 407 -7.68 -18.75 12.91
CA LEU B 407 -8.37 -19.64 11.99
C LEU B 407 -8.29 -19.08 10.59
N THR B 408 -8.31 -19.96 9.60
CA THR B 408 -8.32 -19.51 8.23
C THR B 408 -9.69 -18.92 7.87
N ALA B 409 -9.69 -17.93 6.99
CA ALA B 409 -10.92 -17.40 6.42
C ALA B 409 -10.57 -16.54 5.20
N SER B 410 -11.45 -16.56 4.20
CA SER B 410 -11.35 -15.66 3.07
C SER B 410 -12.74 -15.25 2.61
N SER B 411 -13.02 -13.96 2.65
CA SER B 411 -14.27 -13.44 2.12
C SER B 411 -14.04 -12.83 0.75
N VAL B 412 -14.75 -13.34 -0.24
CA VAL B 412 -14.64 -12.80 -1.60
C VAL B 412 -15.93 -12.09 -1.97
N ALA B 413 -15.84 -10.76 -2.06
CA ALA B 413 -16.99 -9.94 -2.42
C ALA B 413 -17.08 -9.83 -3.94
N TRP B 414 -17.92 -10.66 -4.54
CA TRP B 414 -18.06 -10.69 -5.99
C TRP B 414 -18.74 -9.41 -6.47
N GLY B 415 -18.35 -8.95 -7.67
CA GLY B 415 -19.10 -7.98 -8.43
C GLY B 415 -20.27 -8.63 -9.12
N THR B 416 -20.17 -8.79 -10.43
CA THR B 416 -21.21 -9.45 -11.24
C THR B 416 -20.64 -10.66 -12.00
N TRP B 417 -21.29 -11.80 -11.84
CA TRP B 417 -20.95 -13.00 -12.65
C TRP B 417 -21.77 -13.05 -13.94
N GLY B 418 -21.10 -13.39 -15.04
CA GLY B 418 -21.78 -13.80 -16.26
C GLY B 418 -22.10 -15.29 -16.27
N GLU B 419 -23.05 -15.66 -17.12
CA GLU B 419 -23.21 -17.06 -17.62
C GLU B 419 -24.04 -17.93 -16.69
N VAL B 420 -23.70 -17.90 -15.39
CA VAL B 420 -24.42 -18.65 -14.39
C VAL B 420 -24.79 -17.72 -13.23
N GLY B 421 -25.85 -18.08 -12.51
CA GLY B 421 -26.14 -17.47 -11.22
C GLY B 421 -27.15 -16.34 -11.28
N MET B 422 -27.16 -15.54 -10.22
CA MET B 422 -28.26 -14.60 -9.96
C MET B 422 -28.39 -13.55 -11.06
N ALA B 423 -27.25 -13.14 -11.62
CA ALA B 423 -27.21 -11.92 -12.46
C ALA B 423 -27.47 -12.22 -13.93
N THR B 424 -27.97 -13.42 -14.23
CA THR B 424 -28.17 -13.82 -15.61
C THR B 424 -29.58 -13.47 -16.10
N ASP B 425 -30.44 -13.05 -15.17
CA ASP B 425 -31.69 -12.35 -15.54
C ASP B 425 -31.35 -11.07 -16.31
N PRO B 426 -31.87 -10.94 -17.55
CA PRO B 426 -31.47 -9.83 -18.43
C PRO B 426 -31.71 -8.43 -17.81
N GLU B 427 -32.76 -8.32 -17.01
CA GLU B 427 -33.13 -7.04 -16.40
C GLU B 427 -32.15 -6.65 -15.29
N VAL B 428 -31.77 -7.62 -14.46
CA VAL B 428 -30.69 -7.44 -13.49
C VAL B 428 -29.38 -7.12 -14.21
N HIS B 429 -29.06 -7.90 -15.23
CA HIS B 429 -27.82 -7.71 -15.97
C HIS B 429 -27.73 -6.29 -16.53
N ASP B 430 -28.83 -5.78 -17.05
CA ASP B 430 -28.85 -4.48 -17.72
C ASP B 430 -28.66 -3.34 -16.72
N ARG B 431 -29.33 -3.45 -15.57
CA ARG B 431 -29.15 -2.48 -14.49
C ARG B 431 -27.68 -2.44 -14.03
N LEU B 432 -27.07 -3.60 -13.89
CA LEU B 432 -25.71 -3.68 -13.36
C LEU B 432 -24.72 -3.04 -14.32
N VAL B 433 -24.90 -3.28 -15.62
CA VAL B 433 -24.01 -2.70 -16.64
C VAL B 433 -24.11 -1.17 -16.64
N ARG B 434 -25.34 -0.67 -16.50
CA ARG B 434 -25.56 0.77 -16.44
C ARG B 434 -24.96 1.42 -15.18
N GLN B 435 -24.74 0.63 -14.13
CA GLN B 435 -24.01 1.10 -12.94
C GLN B 435 -22.49 0.88 -13.07
N GLY B 436 -22.06 0.19 -14.13
CA GLY B 436 -20.64 -0.01 -14.41
C GLY B 436 -20.04 -1.19 -13.67
N VAL B 437 -20.87 -2.05 -13.10
CA VAL B 437 -20.40 -3.30 -12.57
C VAL B 437 -20.61 -4.43 -13.58
N LEU B 438 -19.58 -4.70 -14.37
CA LEU B 438 -19.73 -5.54 -15.57
C LEU B 438 -19.66 -7.03 -15.25
N ALA B 439 -20.24 -7.83 -16.13
CA ALA B 439 -20.30 -9.26 -15.93
C ALA B 439 -18.95 -9.91 -16.20
N MET B 440 -18.44 -10.63 -15.21
CA MET B 440 -17.19 -11.38 -15.34
C MET B 440 -17.41 -12.74 -16.03
N GLU B 441 -16.46 -13.18 -16.85
CA GLU B 441 -16.43 -14.57 -17.32
C GLU B 441 -16.03 -15.51 -16.18
N PRO B 442 -16.76 -16.62 -16.04
CA PRO B 442 -16.54 -17.49 -14.88
C PRO B 442 -15.08 -17.93 -14.69
N GLU B 443 -14.39 -18.22 -15.78
CA GLU B 443 -12.99 -18.67 -15.66
C GLU B 443 -12.07 -17.55 -15.13
N HIS B 444 -12.40 -16.30 -15.45
CA HIS B 444 -11.59 -15.14 -14.97
C HIS B 444 -11.88 -14.87 -13.50
N ALA B 445 -13.16 -14.95 -13.13
CA ALA B 445 -13.54 -14.80 -11.72
C ALA B 445 -12.91 -15.89 -10.85
N LEU B 446 -13.03 -17.14 -11.28
CA LEU B 446 -12.49 -18.23 -10.50
C LEU B 446 -10.97 -18.20 -10.46
N GLY B 447 -10.34 -17.74 -11.54
CA GLY B 447 -8.89 -17.57 -11.56
C GLY B 447 -8.41 -16.47 -10.61
N ALA B 448 -9.19 -15.42 -10.48
CA ALA B 448 -8.87 -14.37 -9.52
C ALA B 448 -9.07 -14.86 -8.09
N LEU B 449 -10.05 -15.73 -7.90
CA LEU B 449 -10.26 -16.31 -6.57
C LEU B 449 -9.10 -17.24 -6.19
N ASP B 450 -8.60 -17.97 -7.17
CA ASP B 450 -7.42 -18.82 -6.95
C ASP B 450 -6.21 -17.96 -6.57
N GLN B 451 -6.04 -16.80 -7.22
CA GLN B 451 -4.96 -15.86 -6.85
C GLN B 451 -5.09 -15.44 -5.39
N MET B 452 -6.30 -15.05 -5.00
CA MET B 452 -6.58 -14.70 -3.63
C MET B 452 -6.25 -15.82 -2.65
N LEU B 453 -6.61 -17.05 -2.98
CA LEU B 453 -6.36 -18.17 -2.08
C LEU B 453 -4.86 -18.57 -2.05
N GLU B 454 -4.18 -18.40 -3.19
CA GLU B 454 -2.72 -18.60 -3.21
C GLU B 454 -1.94 -17.51 -2.44
N ASN B 455 -2.47 -16.29 -2.41
CA ASN B 455 -1.91 -15.23 -1.53
C ASN B 455 -2.30 -15.45 -0.08
N ASP B 456 -3.33 -16.28 0.14
CA ASP B 456 -4.01 -16.40 1.45
C ASP B 456 -4.45 -15.02 2.00
N ASP B 457 -5.06 -14.23 1.13
CA ASP B 457 -5.68 -12.96 1.53
C ASP B 457 -6.96 -13.21 2.33
N THR B 458 -7.24 -12.30 3.26
CA THR B 458 -8.37 -12.45 4.17
C THR B 458 -9.66 -11.96 3.51
N ALA B 459 -9.57 -10.85 2.80
CA ALA B 459 -10.76 -10.29 2.16
C ALA B 459 -10.39 -9.56 0.89
N ALA B 460 -11.24 -9.68 -0.12
CA ALA B 460 -11.03 -9.01 -1.38
C ALA B 460 -12.35 -8.84 -2.09
N ALA B 461 -12.43 -7.84 -2.97
CA ALA B 461 -13.51 -7.75 -3.93
C ALA B 461 -12.98 -8.18 -5.27
N ILE B 462 -13.74 -9.03 -5.95
CA ILE B 462 -13.36 -9.48 -7.28
C ILE B 462 -14.42 -9.11 -8.27
N THR B 463 -14.11 -8.06 -9.04
CA THR B 463 -15.12 -7.37 -9.84
C THR B 463 -14.51 -6.73 -11.07
N LEU B 464 -15.25 -6.78 -12.19
CA LEU B 464 -14.90 -6.01 -13.38
C LEU B 464 -15.69 -4.71 -13.41
N MET B 465 -14.98 -3.59 -13.24
CA MET B 465 -15.60 -2.28 -13.16
C MET B 465 -15.37 -1.48 -14.44
N ASP B 466 -16.41 -0.81 -14.91
CA ASP B 466 -16.24 0.36 -15.77
C ASP B 466 -16.30 1.64 -14.95
N TRP B 467 -15.14 2.13 -14.51
CA TRP B 467 -15.08 3.22 -13.54
C TRP B 467 -15.63 4.51 -14.12
N GLU B 468 -15.59 4.64 -15.45
CA GLU B 468 -16.13 5.83 -16.10
C GLU B 468 -17.65 5.86 -15.95
N MET B 469 -18.26 4.69 -15.79
CA MET B 469 -19.72 4.62 -15.52
C MET B 469 -20.02 4.57 -14.02
N PHE B 470 -19.19 3.86 -13.28
CA PHE B 470 -19.45 3.58 -11.86
C PHE B 470 -19.26 4.82 -10.99
N ALA B 471 -18.12 5.51 -11.14
CA ALA B 471 -17.77 6.59 -10.23
C ALA B 471 -18.80 7.73 -10.27
N PRO B 472 -19.24 8.12 -11.47
CA PRO B 472 -20.21 9.22 -11.50
C PRO B 472 -21.57 8.81 -10.94
N ALA B 473 -21.97 7.58 -11.22
CA ALA B 473 -23.23 7.08 -10.70
C ALA B 473 -23.16 6.99 -9.18
N PHE B 474 -22.04 6.52 -8.67
CA PHE B 474 -21.92 6.25 -7.24
C PHE B 474 -21.91 7.56 -6.45
N THR B 475 -21.35 8.61 -7.04
CA THR B 475 -21.12 9.86 -6.33
C THR B 475 -22.08 10.97 -6.74
N ALA B 476 -23.13 10.63 -7.47
CA ALA B 476 -24.02 11.64 -8.05
C ALA B 476 -24.57 12.61 -6.99
N ASN B 477 -24.84 12.11 -5.79
CA ASN B 477 -25.55 12.91 -4.78
C ASN B 477 -24.67 13.23 -3.61
N ARG B 478 -23.48 12.65 -3.59
CA ARG B 478 -22.64 12.74 -2.43
C ARG B 478 -21.27 12.15 -2.71
N PRO B 479 -20.20 12.86 -2.30
CA PRO B 479 -18.85 12.37 -2.58
C PRO B 479 -18.54 11.07 -1.85
N SER B 480 -17.54 10.34 -2.32
CA SER B 480 -17.12 9.09 -1.68
C SER B 480 -15.60 9.09 -1.48
N ALA B 481 -15.17 9.34 -0.24
CA ALA B 481 -13.74 9.23 0.08
C ALA B 481 -13.23 7.81 -0.13
N LEU B 482 -14.15 6.83 -0.07
CA LEU B 482 -13.82 5.43 -0.34
C LEU B 482 -13.09 5.22 -1.69
N LEU B 483 -13.53 5.97 -2.71
CA LEU B 483 -13.01 5.80 -4.06
C LEU B 483 -11.75 6.67 -4.37
N SER B 484 -11.32 7.48 -3.40
CA SER B 484 -10.24 8.43 -3.63
C SER B 484 -8.89 7.72 -3.90
N THR B 485 -8.85 6.42 -3.63
CA THR B 485 -7.62 5.63 -3.78
C THR B 485 -7.67 4.75 -5.05
N VAL B 486 -8.75 4.89 -5.83
CA VAL B 486 -8.85 4.25 -7.13
C VAL B 486 -8.62 5.29 -8.23
N PRO B 487 -7.45 5.22 -8.90
CA PRO B 487 -7.06 6.33 -9.77
C PRO B 487 -8.01 6.53 -10.94
N GLU B 488 -8.58 5.44 -11.42
CA GLU B 488 -9.56 5.49 -12.50
C GLU B 488 -10.85 6.21 -12.06
N ALA B 489 -11.20 6.07 -10.79
CA ALA B 489 -12.38 6.74 -10.26
C ALA B 489 -12.13 8.23 -10.11
N VAL B 490 -10.96 8.57 -9.59
CA VAL B 490 -10.56 9.97 -9.49
C VAL B 490 -10.52 10.61 -10.88
N SER B 491 -9.98 9.88 -11.85
CA SER B 491 -9.89 10.41 -13.22
C SER B 491 -11.28 10.64 -13.85
N ALA B 492 -12.20 9.71 -13.60
CA ALA B 492 -13.55 9.79 -14.15
C ALA B 492 -14.29 11.01 -13.61
N LEU B 493 -13.91 11.45 -12.41
CA LEU B 493 -14.66 12.49 -11.71
C LEU B 493 -14.05 13.87 -11.93
N SER B 494 -12.82 13.90 -12.43
CA SER B 494 -12.12 15.15 -12.68
C SER B 494 -12.73 15.86 -13.90
PA NDP C . 20.99 24.84 -9.19
O1A NDP C . 20.11 26.03 -9.37
O2A NDP C . 22.19 24.69 -10.11
O5B NDP C . 21.50 24.77 -7.68
C5B NDP C . 22.62 23.95 -7.33
C4B NDP C . 23.41 24.70 -6.29
O4B NDP C . 24.49 23.90 -5.78
C3B NDP C . 24.03 25.95 -6.87
O3B NDP C . 23.79 27.05 -5.95
C2B NDP C . 25.50 25.64 -6.98
O2B NDP C . 26.23 26.87 -6.86
C1B NDP C . 25.67 24.70 -5.81
N9A NDP C . 26.85 23.85 -5.86
C8A NDP C . 27.17 22.96 -6.83
N7A NDP C . 28.29 22.30 -6.48
C5A NDP C . 28.62 22.67 -5.25
C6A NDP C . 29.62 22.29 -4.26
N6A NDP C . 30.65 21.46 -4.56
N1A NDP C . 29.65 23.00 -3.13
C2A NDP C . 28.70 23.91 -2.80
N3A NDP C . 27.72 24.24 -3.63
C4A NDP C . 27.66 23.69 -4.85
O3 NDP C . 20.13 23.51 -9.33
PN NDP C . 18.75 23.20 -8.56
O1N NDP C . 17.75 22.85 -9.62
O2N NDP C . 18.44 24.25 -7.55
O5D NDP C . 19.08 21.85 -7.77
C5D NDP C . 19.21 21.87 -6.36
C4D NDP C . 19.38 20.44 -5.89
O4D NDP C . 18.18 19.72 -6.24
C3D NDP C . 20.56 19.75 -6.58
O3D NDP C . 21.30 18.96 -5.63
C2D NDP C . 19.93 18.84 -7.60
O2D NDP C . 20.70 17.63 -7.82
C1D NDP C . 18.56 18.55 -6.98
N1N NDP C . 17.56 18.23 -8.02
C2N NDP C . 17.00 19.20 -8.75
C3N NDP C . 15.99 18.90 -9.66
C7N NDP C . 15.36 19.96 -10.50
O7N NDP C . 14.36 19.69 -11.13
N7N NDP C . 15.94 21.17 -10.59
C4N NDP C . 15.58 17.48 -9.93
C5N NDP C . 16.23 16.54 -9.03
C6N NDP C . 17.24 16.94 -8.18
P2B NDP C . 27.82 26.98 -7.23
O1X NDP C . 28.03 28.46 -6.96
O2X NDP C . 28.53 26.04 -6.32
O3X NDP C . 27.93 26.62 -8.69
O1 8H6 D . 16.61 6.30 -19.89
O17 8H6 D . 11.74 6.84 -18.92
C5 8H6 D . 12.88 7.13 -18.77
C4 8H6 D . 13.77 7.02 -20.02
C3 8H6 D . 14.32 5.60 -20.37
C15 8H6 D . 13.57 4.95 -21.53
C2 8H6 D . 15.78 5.66 -20.85
C14 8H6 D . 14.23 4.70 -19.15
O16 8H6 D . 12.94 7.40 -21.12
N6 8H6 D . 13.31 7.27 -17.55
C7 8H6 D . 14.15 8.22 -16.86
C8 8H6 D . 13.30 9.49 -16.60
C9 8H6 D . 13.92 10.58 -15.69
O18 8H6 D . 13.87 10.55 -14.45
N10 8H6 D . 14.14 11.65 -16.26
C11 8H6 D . 14.43 12.91 -15.60
C12 8H6 D . 15.52 12.65 -14.58
S13 8H6 D . 16.78 13.81 -14.87
C19 8H6 D . 16.34 15.30 -14.36
O24 8H6 D . 15.32 15.49 -13.72
C20 8H6 D . 17.22 16.40 -14.79
C26 8H6 D . 18.53 15.84 -15.36
C21 8H6 D . 17.47 17.33 -13.66
O25 8H6 D . 17.77 16.96 -12.52
C22 8H6 D . 17.60 18.73 -14.10
C23 8H6 D . 18.62 18.72 -15.21
PA NDP E . -27.81 -18.95 -7.15
O1A NDP E . -27.56 -19.62 -8.48
O2A NDP E . -29.21 -18.56 -6.78
O5B NDP E . -27.16 -19.85 -6.00
C5B NDP E . -27.51 -19.64 -4.65
C4B NDP E . -27.63 -20.98 -3.99
O4B NDP E . -27.91 -20.84 -2.60
C3B NDP E . -28.75 -21.82 -4.59
O3B NDP E . -28.23 -23.16 -4.82
C2B NDP E . -29.82 -21.83 -3.51
O2B NDP E . -30.59 -23.04 -3.58
C1B NDP E . -28.95 -21.76 -2.26
N9A NDP E . -29.63 -21.34 -1.05
C8A NDP E . -30.35 -20.20 -0.88
N7A NDP E . -30.83 -20.15 0.39
C5A NDP E . -30.32 -21.21 1.05
C6A NDP E . -30.36 -21.71 2.41
N6A NDP E . -31.05 -21.06 3.36
N1A NDP E . -29.77 -22.89 2.66
C2A NDP E . -29.03 -23.55 1.74
N3A NDP E . -28.93 -23.13 0.47
C4A NDP E . -29.63 -22.03 0.07
O3 NDP E . -26.92 -17.57 -7.07
PN NDP E . -25.34 -17.42 -7.42
O1N NDP E . -25.29 -16.40 -8.50
O2N NDP E . -24.70 -18.77 -7.59
O5D NDP E . -24.78 -16.83 -6.04
C5D NDP E . -24.00 -17.67 -5.18
C4D NDP E . -23.51 -16.82 -4.02
O4D NDP E . -22.70 -15.78 -4.54
C3D NDP E . -24.65 -16.15 -3.26
O3D NDP E . -24.38 -16.23 -1.86
C2D NDP E . -24.61 -14.70 -3.69
O2D NDP E . -25.02 -13.83 -2.63
C1D NDP E . -23.15 -14.50 -4.06
N1N NDP E . -22.98 -13.45 -5.08
C2N NDP E . -23.31 -13.68 -6.37
C3N NDP E . -23.10 -12.70 -7.36
C7N NDP E . -23.47 -12.95 -8.80
O7N NDP E . -23.06 -12.16 -9.66
N7N NDP E . -24.22 -14.00 -9.15
C4N NDP E . -22.64 -11.33 -6.96
C5N NDP E . -22.24 -11.26 -5.57
C6N NDP E . -22.55 -12.25 -4.67
P2B NDP E . -32.01 -23.26 -2.83
O1X NDP E . -32.44 -24.57 -3.46
O2X NDP E . -31.73 -23.31 -1.37
O3X NDP E . -32.87 -22.09 -3.23
O1 8H6 F . -27.40 2.91 -5.21
O17 8H6 F . -23.44 2.98 -8.20
C5 8H6 F . -24.26 2.38 -7.57
C4 8H6 F . -25.68 2.97 -7.55
C3 8H6 F . -25.91 4.20 -6.62
C15 8H6 F . -25.96 5.52 -7.39
C2 8H6 F . -27.28 4.12 -5.94
C14 8H6 F . -24.83 4.27 -5.56
O16 8H6 F . -25.95 3.43 -8.87
N6 8H6 F . -23.84 1.46 -6.76
C7 8H6 F . -24.22 0.06 -6.51
C8 8H6 F . -23.47 -0.87 -7.53
C9 8H6 F . -23.61 -2.37 -7.26
O18 8H6 F . -22.82 -3.03 -6.58
N10 8H6 F . -24.42 -2.99 -7.98
C11 8H6 F . -24.56 -4.43 -8.06
C12 8H6 F . -24.56 -4.97 -6.65
S13 8H6 F . -25.86 -6.13 -6.55
C19 8H6 F . -25.58 -7.40 -7.54
O24 8H6 F . -24.48 -7.59 -8.03
C20 8H6 F . -26.75 -8.24 -7.91
C26 8H6 F . -28.02 -7.63 -7.31
C21 8H6 F . -26.58 -9.64 -7.45
O25 8H6 F . -25.82 -9.96 -6.52
C22 8H6 F . -27.41 -10.67 -8.14
C23 8H6 F . -28.87 -10.28 -8.03
#